data_6XG6
#
_entry.id   6XG6
#
_cell.length_a   1.00
_cell.length_b   1.00
_cell.length_c   1.00
_cell.angle_alpha   90.00
_cell.angle_beta   90.00
_cell.angle_gamma   90.00
#
_symmetry.space_group_name_H-M   'P 1'
#
loop_
_entity.id
_entity.type
_entity.pdbx_description
1 polymer 'Heat shock protein 75 kDa, mitochondrial, Fibronectin binding protein fusion'
2 non-polymer "ADENOSINE-5'-DIPHOSPHATE"
3 non-polymer 'BERYLLIUM TRIFLUORIDE ION'
4 non-polymer 'MAGNESIUM ION'
5 non-polymer 'POTASSIUM ION'
#
_entity_poly.entity_id   1
_entity_poly.type   'polypeptide(L)'
_entity_poly.pdbx_seq_one_letter_code
;GIDPFTSTQTAEDKEEPLHSIISSTESVQGSTSKHEFQAETKKLLDIVARSLYSEKEVFIRELISNASDALEKLRHKLVS
DGQALPEMEIHLQTNAEKGTITIQDTGIGMTQEELVSNLGTIARSGSKAFLDALQNQAEASSKIIGQFGVGFYSAFMVAD
RVEVYSRSAAPGSLGYQWLSDGSGVFEIAEASGVRTGTKIIIHLKSDCKEFSSEARVRDVVTKYSNFVSFPLYLNGRRMN
TLQAIWMMDPKDVGEWQHEEFYRYVAQAHDKPRYTLHYKTDAPLNIRSIFYVPDMKPSMFDVSRELGSSVALYSRKVLIQ
TKATDILPKWLRFIRGVVDSEDIPLNLSRELLQESALIRKLRDVLQQRLIKFFIDQSKKDAEKYAKFFEDYGLFMREGIV
TATEQEVKEDIAKLLRYESSALPSGQLTSLSEYASRMRAGTRNIYYLCAPNRHLAEHSPYYEAMKKKDTEVLFCFEQFDE
LTLLHLREFDKKKLISVETDIVVDHYKEEKFEDRSPAAECLSEKETEELMAWMRNVLGSRVTNVKVTLRLDTHPAMVTVL
EMGAARHFLRMQQLAKTQEERAQLLQPTLEINPRHALIKKLNQLRASEPGLAQLLVDQIYENAMIAAGLVDDPRAMVGRL
NELLVKALERHGGSGSGSSAMVDTLSGLSSEQGQSGDMTIEEDSATHIKFSKRDEDGKELAGATMELRDSSGKTISTWIS
DGQVKDFYLYPGKYTFVETAAPDGYEVATAITFTVNEQGQVTVNGKATKGDAHI
;
_entity_poly.pdbx_strand_id   A,B
#
loop_
_chem_comp.id
_chem_comp.type
_chem_comp.name
_chem_comp.formula
ADP non-polymer ADENOSINE-5'-DIPHOSPHATE 'C10 H15 N5 O10 P2'
BEF non-polymer 'BERYLLIUM TRIFLUORIDE ION' 'Be F3 -1'
K non-polymer 'POTASSIUM ION' 'K 1'
MG non-polymer 'MAGNESIUM ION' 'Mg 2'
#
# COMPACT_ATOMS: atom_id res chain seq x y z
N PRO A 17 -13.40 -36.73 -19.68
CA PRO A 17 -14.01 -35.77 -20.60
C PRO A 17 -15.21 -35.07 -20.00
N LEU A 18 -16.36 -35.13 -20.67
CA LEU A 18 -17.59 -34.50 -20.21
C LEU A 18 -18.54 -35.57 -19.68
N HIS A 19 -19.06 -35.33 -18.48
CA HIS A 19 -19.98 -36.26 -17.83
C HIS A 19 -20.93 -35.44 -16.97
N SER A 20 -22.14 -35.22 -17.48
CA SER A 20 -23.13 -34.41 -16.80
C SER A 20 -24.47 -35.14 -16.76
N ILE A 21 -25.27 -34.82 -15.75
CA ILE A 21 -26.57 -35.47 -15.55
C ILE A 21 -27.67 -34.42 -15.66
N ILE A 22 -27.38 -33.31 -16.33
CA ILE A 22 -28.35 -32.24 -16.46
C ILE A 22 -29.46 -32.68 -17.40
N SER A 23 -30.70 -32.57 -16.94
CA SER A 23 -31.87 -32.94 -17.72
C SER A 23 -33.08 -32.17 -17.21
N SER A 24 -34.12 -32.13 -18.03
CA SER A 24 -35.36 -31.43 -17.71
C SER A 24 -36.51 -32.41 -17.45
N THR A 25 -36.23 -33.53 -16.79
CA THR A 25 -37.26 -34.52 -16.50
C THR A 25 -38.24 -34.04 -15.44
N GLU A 26 -37.91 -33.00 -14.69
CA GLU A 26 -38.81 -32.50 -13.65
C GLU A 26 -40.06 -31.89 -14.28
N SER A 27 -41.20 -32.12 -13.64
CA SER A 27 -42.48 -31.63 -14.12
C SER A 27 -43.30 -31.12 -12.94
N VAL A 28 -44.23 -30.22 -13.24
CA VAL A 28 -45.09 -29.61 -12.23
C VAL A 28 -46.44 -30.32 -12.28
N GLN A 29 -46.85 -30.89 -11.14
CA GLN A 29 -48.12 -31.59 -11.07
C GLN A 29 -48.87 -31.33 -9.76
N GLY A 30 -48.41 -30.39 -8.93
CA GLY A 30 -49.04 -30.10 -7.67
C GLY A 30 -49.87 -28.83 -7.69
N SER A 31 -50.24 -28.38 -6.51
CA SER A 31 -51.04 -27.17 -6.33
C SER A 31 -50.15 -26.07 -5.77
N THR A 32 -50.19 -24.90 -6.39
CA THR A 32 -49.35 -23.78 -5.98
C THR A 32 -49.98 -23.01 -4.83
N SER A 33 -49.14 -22.58 -3.89
CA SER A 33 -49.59 -21.77 -2.78
C SER A 33 -49.18 -20.31 -2.99
N LYS A 34 -49.74 -19.43 -2.17
CA LYS A 34 -49.46 -17.98 -2.26
C LYS A 34 -49.36 -17.43 -0.83
N HIS A 35 -48.15 -17.36 -0.30
CA HIS A 35 -47.91 -16.78 1.01
C HIS A 35 -46.63 -15.95 0.96
N GLU A 36 -46.59 -14.90 1.78
CA GLU A 36 -45.46 -13.99 1.80
C GLU A 36 -44.24 -14.64 2.46
N PHE A 37 -43.07 -14.11 2.11
CA PHE A 37 -41.85 -14.50 2.80
C PHE A 37 -41.94 -14.13 4.28
N GLN A 38 -41.56 -15.08 5.13
CA GLN A 38 -41.54 -14.81 6.57
C GLN A 38 -40.29 -14.01 6.94
N ALA A 39 -40.44 -13.15 7.94
CA ALA A 39 -39.35 -12.29 8.38
C ALA A 39 -39.52 -12.01 9.87
N GLU A 40 -38.75 -12.72 10.70
CA GLU A 40 -38.71 -12.49 12.13
C GLU A 40 -37.47 -11.66 12.45
N THR A 41 -37.17 -11.50 13.74
CA THR A 41 -36.07 -10.66 14.19
C THR A 41 -35.06 -11.37 15.08
N LYS A 42 -35.34 -12.60 15.52
CA LYS A 42 -34.43 -13.30 16.42
C LYS A 42 -33.04 -13.41 15.84
N LYS A 43 -32.95 -13.81 14.57
CA LYS A 43 -31.66 -13.91 13.89
C LYS A 43 -31.22 -12.59 13.29
N LEU A 44 -32.17 -11.71 12.93
CA LEU A 44 -31.79 -10.43 12.34
C LEU A 44 -31.02 -9.57 13.33
N LEU A 45 -31.48 -9.52 14.59
CA LEU A 45 -30.75 -8.76 15.60
C LEU A 45 -29.35 -9.32 15.82
N ASP A 46 -29.22 -10.64 15.86
CA ASP A 46 -27.91 -11.26 16.03
C ASP A 46 -27.00 -10.94 14.86
N ILE A 47 -27.54 -10.95 13.65
CA ILE A 47 -26.76 -10.60 12.46
C ILE A 47 -26.30 -9.15 12.53
N VAL A 48 -27.19 -8.25 12.92
CA VAL A 48 -26.85 -6.83 13.00
C VAL A 48 -25.76 -6.60 14.05
N ALA A 49 -25.89 -7.25 15.20
CA ALA A 49 -24.97 -7.03 16.31
C ALA A 49 -23.71 -7.89 16.24
N ARG A 50 -23.61 -8.82 15.30
CA ARG A 50 -22.44 -9.69 15.27
C ARG A 50 -21.79 -9.75 13.89
N SER A 51 -22.60 -9.65 12.82
CA SER A 51 -22.07 -9.87 11.47
C SER A 51 -22.61 -8.87 10.46
N LEU A 52 -22.70 -7.60 10.85
CA LEU A 52 -23.15 -6.55 9.94
C LEU A 52 -22.09 -5.50 9.68
N TYR A 53 -21.52 -4.91 10.72
CA TYR A 53 -20.54 -3.84 10.60
C TYR A 53 -19.15 -4.38 10.89
N SER A 54 -18.20 -4.01 10.02
CA SER A 54 -16.85 -4.56 10.13
C SER A 54 -16.13 -4.07 11.38
N GLU A 55 -16.53 -2.92 11.93
CA GLU A 55 -15.82 -2.34 13.06
C GLU A 55 -16.86 -1.86 14.08
N LYS A 56 -16.43 -1.78 15.34
CA LYS A 56 -17.37 -1.69 16.46
C LYS A 56 -17.95 -0.30 16.66
N GLU A 57 -17.12 0.74 16.63
CA GLU A 57 -17.54 2.07 17.06
C GLU A 57 -18.41 2.82 16.04
N VAL A 58 -18.92 2.16 15.00
CA VAL A 58 -19.77 2.84 14.02
C VAL A 58 -21.17 3.11 14.53
N PHE A 59 -21.51 2.64 15.73
CA PHE A 59 -22.90 2.76 16.20
C PHE A 59 -23.25 4.21 16.56
N ILE A 60 -22.34 4.92 17.24
CA ILE A 60 -22.61 6.33 17.51
C ILE A 60 -22.54 7.16 16.24
N ARG A 61 -21.75 6.73 15.25
CA ARG A 61 -21.76 7.40 13.95
C ARG A 61 -23.14 7.26 13.30
N GLU A 62 -23.72 6.06 13.35
CA GLU A 62 -25.06 5.86 12.82
C GLU A 62 -26.09 6.67 13.60
N LEU A 63 -25.93 6.75 14.92
CA LEU A 63 -26.84 7.54 15.73
C LEU A 63 -26.76 9.02 15.37
N ILE A 64 -25.55 9.53 15.15
CA ILE A 64 -25.38 10.92 14.74
C ILE A 64 -25.99 11.15 13.37
N SER A 65 -25.85 10.18 12.46
CA SER A 65 -26.47 10.31 11.14
C SER A 65 -27.99 10.35 11.27
N ASN A 66 -28.56 9.52 12.12
CA ASN A 66 -30.00 9.54 12.33
C ASN A 66 -30.46 10.87 12.93
N ALA A 67 -29.69 11.40 13.89
CA ALA A 67 -30.02 12.69 14.48
C ALA A 67 -29.98 13.80 13.44
N SER A 68 -28.97 13.77 12.57
CA SER A 68 -28.87 14.77 11.51
C SER A 68 -30.04 14.65 10.54
N ASP A 69 -30.44 13.42 10.22
CA ASP A 69 -31.59 13.22 9.34
C ASP A 69 -32.87 13.77 9.97
N ALA A 70 -33.04 13.53 11.28
CA ALA A 70 -34.22 14.06 11.97
C ALA A 70 -34.21 15.58 11.99
N LEU A 71 -33.04 16.18 12.24
CA LEU A 71 -32.94 17.64 12.23
C LEU A 71 -33.24 18.20 10.84
N GLU A 72 -32.75 17.54 9.80
CA GLU A 72 -33.05 17.99 8.44
C GLU A 72 -34.53 17.88 8.13
N LYS A 73 -35.18 16.79 8.57
CA LYS A 73 -36.61 16.65 8.37
C LYS A 73 -37.38 17.74 9.08
N LEU A 74 -37.00 18.06 10.33
CA LEU A 74 -37.67 19.12 11.06
C LEU A 74 -37.46 20.47 10.40
N ARG A 75 -36.25 20.73 9.91
CA ARG A 75 -35.98 21.99 9.22
C ARG A 75 -36.81 22.11 7.95
N HIS A 76 -36.93 21.01 7.19
CA HIS A 76 -37.77 21.02 5.99
C HIS A 76 -39.22 21.29 6.34
N LYS A 77 -39.73 20.64 7.40
CA LYS A 77 -41.12 20.86 7.80
C LYS A 77 -41.33 22.31 8.22
N LEU A 78 -40.39 22.88 8.97
CA LEU A 78 -40.55 24.25 9.46
C LEU A 78 -40.48 25.25 8.31
N VAL A 79 -39.59 25.04 7.34
CA VAL A 79 -39.52 25.97 6.21
C VAL A 79 -40.69 25.76 5.25
N SER A 80 -41.30 24.57 5.25
CA SER A 80 -42.50 24.37 4.46
C SER A 80 -43.70 25.06 5.10
N ASP A 81 -43.79 25.01 6.43
CA ASP A 81 -44.86 25.71 7.14
C ASP A 81 -44.64 27.21 7.19
N GLY A 82 -43.45 27.70 6.85
CA GLY A 82 -43.18 29.12 6.85
C GLY A 82 -43.23 29.77 8.21
N GLN A 83 -42.65 29.15 9.23
CA GLN A 83 -42.62 29.68 10.58
C GLN A 83 -41.18 29.87 11.04
N ALA A 84 -41.02 30.22 12.31
CA ALA A 84 -39.70 30.51 12.85
C ALA A 84 -38.86 29.24 12.96
N LEU A 85 -37.55 29.43 13.05
CA LEU A 85 -36.59 28.33 13.13
C LEU A 85 -35.96 28.30 14.51
N PRO A 86 -36.36 27.39 15.39
CA PRO A 86 -35.77 27.30 16.73
C PRO A 86 -34.41 26.60 16.67
N GLU A 87 -33.82 26.42 17.85
CA GLU A 87 -32.52 25.77 17.95
C GLU A 87 -32.63 24.30 17.57
N MET A 88 -31.59 23.79 16.90
CA MET A 88 -31.54 22.39 16.51
C MET A 88 -30.09 21.95 16.50
N GLU A 89 -29.73 21.07 17.45
CA GLU A 89 -28.36 20.63 17.59
C GLU A 89 -28.35 19.18 18.06
N ILE A 90 -27.19 18.54 17.90
CA ILE A 90 -26.96 17.18 18.37
C ILE A 90 -26.05 17.27 19.59
N HIS A 91 -26.51 16.75 20.72
CA HIS A 91 -25.79 16.82 21.99
C HIS A 91 -25.35 15.40 22.38
N LEU A 92 -24.05 15.23 22.60
CA LEU A 92 -23.47 13.97 23.02
C LEU A 92 -23.05 14.07 24.48
N GLN A 93 -23.49 13.11 25.29
CA GLN A 93 -23.14 13.07 26.70
C GLN A 93 -22.60 11.68 27.04
N THR A 94 -21.53 11.64 27.83
CA THR A 94 -20.91 10.38 28.22
C THR A 94 -20.53 10.46 29.69
N ASN A 95 -21.14 9.59 30.51
CA ASN A 95 -20.88 9.54 31.94
C ASN A 95 -19.87 8.44 32.21
N ALA A 96 -18.65 8.83 32.57
CA ALA A 96 -17.59 7.85 32.85
C ALA A 96 -17.94 7.01 34.07
N GLU A 97 -18.46 7.63 35.13
CA GLU A 97 -18.82 6.88 36.33
C GLU A 97 -19.96 5.91 36.05
N LYS A 98 -20.98 6.35 35.32
CA LYS A 98 -22.11 5.49 35.01
C LYS A 98 -21.83 4.53 33.86
N GLY A 99 -20.77 4.76 33.09
CA GLY A 99 -20.48 3.90 31.95
C GLY A 99 -21.55 3.93 30.88
N THR A 100 -22.06 5.12 30.57
CA THR A 100 -23.13 5.28 29.59
C THR A 100 -22.81 6.43 28.65
N ILE A 101 -23.39 6.37 27.46
CA ILE A 101 -23.27 7.43 26.46
C ILE A 101 -24.67 7.89 26.09
N THR A 102 -24.89 9.20 26.09
CA THR A 102 -26.20 9.77 25.82
C THR A 102 -26.11 10.66 24.58
N ILE A 103 -26.98 10.40 23.61
CA ILE A 103 -27.12 11.24 22.42
C ILE A 103 -28.55 11.74 22.35
N GLN A 104 -28.70 13.05 22.14
CA GLN A 104 -30.02 13.67 22.13
C GLN A 104 -30.06 14.72 21.04
N ASP A 105 -31.13 14.71 20.25
CA ASP A 105 -31.35 15.68 19.20
C ASP A 105 -32.72 16.32 19.38
N THR A 106 -32.96 17.39 18.62
CA THR A 106 -34.22 18.13 18.72
C THR A 106 -34.88 18.11 17.34
N GLY A 107 -34.94 16.93 16.73
CA GLY A 107 -35.49 16.77 15.40
C GLY A 107 -37.00 16.76 15.37
N ILE A 108 -37.54 16.07 14.36
CA ILE A 108 -39.00 16.01 14.20
C ILE A 108 -39.65 15.30 15.38
N GLY A 109 -39.07 14.20 15.82
CA GLY A 109 -39.65 13.40 16.87
C GLY A 109 -40.53 12.28 16.32
N MET A 110 -40.85 11.34 17.20
CA MET A 110 -41.59 10.15 16.83
C MET A 110 -42.72 9.91 17.82
N THR A 111 -43.91 9.59 17.30
CA THR A 111 -45.08 9.33 18.12
C THR A 111 -45.13 7.84 18.46
N GLN A 112 -46.25 7.41 19.05
CA GLN A 112 -46.42 5.99 19.38
C GLN A 112 -46.43 5.13 18.12
N GLU A 113 -47.28 5.49 17.16
CA GLU A 113 -47.33 4.72 15.92
C GLU A 113 -46.05 4.86 15.13
N GLU A 114 -45.44 6.04 15.14
CA GLU A 114 -44.16 6.24 14.46
C GLU A 114 -43.07 5.40 15.10
N LEU A 115 -43.03 5.34 16.43
CA LEU A 115 -42.05 4.52 17.12
C LEU A 115 -42.24 3.03 16.80
N VAL A 116 -43.49 2.57 16.82
CA VAL A 116 -43.76 1.17 16.51
C VAL A 116 -43.36 0.85 15.07
N SER A 117 -43.65 1.75 14.14
CA SER A 117 -43.35 1.50 12.73
C SER A 117 -41.84 1.49 12.49
N ASN A 118 -41.13 2.50 13.00
CA ASN A 118 -39.71 2.62 12.68
C ASN A 118 -38.86 1.73 13.58
N LEU A 119 -38.90 1.96 14.89
CA LEU A 119 -38.02 1.24 15.80
C LEU A 119 -38.36 -0.25 15.85
N GLY A 120 -39.64 -0.58 15.88
CA GLY A 120 -40.06 -1.95 16.05
C GLY A 120 -39.99 -2.84 14.82
N THR A 121 -39.67 -2.27 13.66
CA THR A 121 -39.59 -3.02 12.42
C THR A 121 -38.18 -2.93 11.85
N ILE A 122 -37.60 -4.07 11.53
CA ILE A 122 -36.26 -4.11 10.95
C ILE A 122 -36.31 -3.58 9.52
N ALA A 123 -35.36 -2.70 9.19
CA ALA A 123 -35.14 -2.11 7.87
C ALA A 123 -36.26 -1.17 7.43
N ARG A 124 -37.29 -0.97 8.24
CA ARG A 124 -38.33 0.00 7.91
C ARG A 124 -37.84 1.38 8.30
N SER A 125 -37.59 2.22 7.29
CA SER A 125 -36.99 3.54 7.49
C SER A 125 -38.01 4.61 7.11
N GLY A 126 -38.28 5.52 8.06
CA GLY A 126 -39.11 6.66 7.75
C GLY A 126 -38.43 7.70 6.88
N SER A 127 -37.10 7.70 6.84
CA SER A 127 -36.38 8.62 5.98
C SER A 127 -36.66 8.35 4.51
N LYS A 128 -36.72 7.08 4.13
CA LYS A 128 -37.05 6.74 2.75
C LYS A 128 -38.46 7.18 2.38
N ALA A 129 -39.41 6.98 3.30
CA ALA A 129 -40.78 7.44 3.07
C ALA A 129 -40.84 8.95 2.94
N PHE A 130 -40.09 9.66 3.77
CA PHE A 130 -40.03 11.12 3.67
C PHE A 130 -39.44 11.56 2.33
N LEU A 131 -38.40 10.86 1.88
CA LEU A 131 -37.81 11.19 0.58
C LEU A 131 -38.79 10.95 -0.55
N ASP A 132 -39.54 9.83 -0.48
CA ASP A 132 -40.53 9.55 -1.51
C ASP A 132 -41.68 10.56 -1.49
N ALA A 133 -41.99 11.12 -0.31
CA ALA A 133 -43.04 12.11 -0.17
C ALA A 133 -42.52 13.54 -0.30
N LEU A 134 -41.42 13.73 -1.03
CA LEU A 134 -40.81 15.04 -1.19
C LEU A 134 -41.00 15.61 -2.60
N GLN A 135 -40.68 14.81 -3.63
CA GLN A 135 -41.01 15.10 -5.02
C GLN A 135 -40.37 16.38 -5.56
N ASN A 136 -39.22 16.78 -5.01
CA ASN A 136 -38.47 17.89 -5.60
C ASN A 136 -37.00 17.57 -5.82
N GLN A 137 -36.41 16.74 -4.96
CA GLN A 137 -35.02 16.28 -5.06
C GLN A 137 -34.03 17.44 -5.05
N ALA A 138 -34.41 18.59 -4.51
CA ALA A 138 -33.52 19.75 -4.44
C ALA A 138 -33.49 20.45 -3.10
N GLU A 139 -34.51 20.29 -2.25
CA GLU A 139 -34.55 21.03 -0.99
C GLU A 139 -33.73 20.33 0.09
N ALA A 140 -34.11 19.11 0.45
CA ALA A 140 -33.42 18.38 1.51
C ALA A 140 -33.23 16.91 1.19
N SER A 141 -33.35 16.51 -0.08
CA SER A 141 -33.19 15.11 -0.45
C SER A 141 -31.73 14.68 -0.29
N SER A 142 -30.79 15.56 -0.61
CA SER A 142 -29.37 15.19 -0.57
C SER A 142 -28.86 15.04 0.85
N LYS A 143 -29.46 15.74 1.81
CA LYS A 143 -28.98 15.74 3.18
C LYS A 143 -29.52 14.59 4.01
N ILE A 144 -30.43 13.78 3.48
CA ILE A 144 -30.97 12.63 4.20
C ILE A 144 -30.02 11.46 4.04
N ILE A 145 -29.44 11.01 5.14
CA ILE A 145 -28.43 9.95 5.09
C ILE A 145 -29.05 8.57 5.24
N GLY A 146 -29.99 8.42 6.17
CA GLY A 146 -30.56 7.11 6.45
C GLY A 146 -31.35 6.58 5.26
N GLN A 147 -30.99 5.38 4.79
CA GLN A 147 -31.69 4.75 3.68
C GLN A 147 -32.00 3.27 3.90
N PHE A 148 -31.29 2.58 4.79
CA PHE A 148 -31.47 1.14 4.98
C PHE A 148 -32.42 0.79 6.12
N GLY A 149 -32.51 1.64 7.14
CA GLY A 149 -33.38 1.35 8.26
C GLY A 149 -32.81 0.41 9.30
N VAL A 150 -31.50 0.17 9.28
CA VAL A 150 -30.85 -0.69 10.25
C VAL A 150 -29.75 0.02 11.01
N GLY A 151 -29.66 1.35 10.89
CA GLY A 151 -28.61 2.08 11.57
C GLY A 151 -28.74 2.07 13.08
N PHE A 152 -29.98 2.17 13.58
CA PHE A 152 -30.18 2.24 15.03
C PHE A 152 -29.76 0.95 15.72
N TYR A 153 -30.05 -0.20 15.11
CA TYR A 153 -29.77 -1.49 15.73
C TYR A 153 -28.29 -1.79 15.87
N SER A 154 -27.42 -0.97 15.26
CA SER A 154 -25.99 -1.13 15.47
C SER A 154 -25.57 -0.89 16.92
N ALA A 155 -26.38 -0.16 17.69
CA ALA A 155 -26.05 0.10 19.08
C ALA A 155 -26.26 -1.11 19.98
N PHE A 156 -26.86 -2.18 19.47
CA PHE A 156 -27.12 -3.37 20.27
C PHE A 156 -25.90 -4.26 20.43
N MET A 157 -24.84 -4.07 19.64
CA MET A 157 -23.64 -4.86 19.79
C MET A 157 -22.72 -4.35 20.89
N VAL A 158 -23.00 -3.17 21.44
CA VAL A 158 -22.21 -2.61 22.52
C VAL A 158 -23.02 -2.32 23.77
N ALA A 159 -24.34 -2.46 23.71
CA ALA A 159 -25.21 -2.12 24.83
C ALA A 159 -26.12 -3.30 25.16
N ASP A 160 -26.26 -3.58 26.45
CA ASP A 160 -27.20 -4.60 26.91
C ASP A 160 -28.62 -4.07 27.03
N ARG A 161 -28.80 -2.75 27.01
CA ARG A 161 -30.13 -2.14 27.06
C ARG A 161 -30.06 -0.76 26.45
N VAL A 162 -31.14 -0.37 25.78
CA VAL A 162 -31.23 0.92 25.09
C VAL A 162 -32.51 1.61 25.53
N GLU A 163 -32.39 2.86 25.98
CA GLU A 163 -33.53 3.67 26.38
C GLU A 163 -33.64 4.86 25.43
N VAL A 164 -34.84 5.06 24.88
CA VAL A 164 -35.10 6.14 23.92
C VAL A 164 -36.19 7.04 24.48
N TYR A 165 -35.92 8.34 24.51
CA TYR A 165 -36.86 9.36 24.96
C TYR A 165 -37.21 10.22 23.75
N SER A 166 -38.29 9.89 23.06
CA SER A 166 -38.67 10.56 21.83
C SER A 166 -40.03 11.22 21.98
N ARG A 167 -40.15 12.43 21.43
CA ARG A 167 -41.41 13.17 21.43
C ARG A 167 -41.49 13.96 20.14
N SER A 168 -42.64 13.90 19.47
CA SER A 168 -42.82 14.59 18.21
C SER A 168 -42.92 16.10 18.43
N ALA A 169 -42.64 16.84 17.37
CA ALA A 169 -42.67 18.30 17.41
C ALA A 169 -44.06 18.87 17.11
N ALA A 170 -45.06 18.02 16.91
CA ALA A 170 -46.40 18.50 16.64
C ALA A 170 -46.95 19.24 17.86
N PRO A 171 -47.74 20.30 17.65
CA PRO A 171 -48.28 21.06 18.79
C PRO A 171 -49.36 20.28 19.54
N GLY A 172 -48.94 19.38 20.42
CA GLY A 172 -49.87 18.58 21.19
C GLY A 172 -49.41 17.15 21.41
N SER A 173 -48.31 16.77 20.76
CA SER A 173 -47.79 15.43 20.91
C SER A 173 -47.19 15.22 22.30
N LEU A 174 -47.21 13.98 22.74
CA LEU A 174 -46.70 13.60 24.05
C LEU A 174 -45.55 12.60 23.89
N GLY A 175 -44.63 12.63 24.86
CA GLY A 175 -43.47 11.76 24.80
C GLY A 175 -43.82 10.31 25.10
N TYR A 176 -42.88 9.43 24.78
CA TYR A 176 -43.04 8.00 24.98
C TYR A 176 -41.73 7.39 25.43
N GLN A 177 -41.83 6.20 26.00
CA GLN A 177 -40.68 5.48 26.55
C GLN A 177 -40.45 4.20 25.76
N TRP A 178 -39.21 4.00 25.30
CA TRP A 178 -38.85 2.85 24.48
C TRP A 178 -37.73 2.08 25.17
N LEU A 179 -37.96 0.79 25.40
CA LEU A 179 -36.98 -0.09 26.04
C LEU A 179 -36.67 -1.26 25.13
N SER A 180 -35.40 -1.68 25.14
CA SER A 180 -34.99 -2.86 24.39
C SER A 180 -33.72 -3.41 25.00
N ASP A 181 -33.40 -4.67 24.67
CA ASP A 181 -32.21 -5.33 25.17
C ASP A 181 -31.48 -6.13 24.10
N GLY A 182 -31.91 -6.03 22.84
CA GLY A 182 -31.26 -6.75 21.76
C GLY A 182 -31.67 -8.20 21.61
N SER A 183 -32.63 -8.67 22.41
CA SER A 183 -33.08 -10.06 22.35
C SER A 183 -34.30 -10.22 21.44
N GLY A 184 -34.54 -9.28 20.54
CA GLY A 184 -35.67 -9.37 19.62
C GLY A 184 -36.99 -8.92 20.20
N VAL A 185 -37.02 -8.43 21.43
CA VAL A 185 -38.25 -7.95 22.06
C VAL A 185 -37.99 -6.57 22.62
N PHE A 186 -38.94 -5.66 22.43
CA PHE A 186 -38.85 -4.30 22.96
C PHE A 186 -40.13 -3.97 23.72
N GLU A 187 -39.97 -3.26 24.83
CA GLU A 187 -41.07 -2.90 25.72
C GLU A 187 -41.25 -1.39 25.67
N ILE A 188 -42.14 -0.93 24.80
CA ILE A 188 -42.42 0.49 24.68
C ILE A 188 -43.41 0.90 25.76
N ALA A 189 -43.30 2.15 26.22
CA ALA A 189 -44.13 2.64 27.31
C ALA A 189 -44.37 4.14 27.11
N GLU A 190 -44.86 4.79 28.15
CA GLU A 190 -45.16 6.21 28.13
C GLU A 190 -44.26 6.95 29.12
N ALA A 191 -43.70 8.07 28.68
CA ALA A 191 -42.80 8.88 29.49
C ALA A 191 -43.31 10.31 29.58
N SER A 192 -43.01 10.96 30.70
CA SER A 192 -43.42 12.33 30.95
C SER A 192 -42.20 13.21 31.18
N GLY A 193 -42.31 14.47 30.77
CA GLY A 193 -41.22 15.42 30.91
C GLY A 193 -40.22 15.39 29.78
N VAL A 194 -40.42 14.58 28.76
CA VAL A 194 -39.50 14.50 27.64
C VAL A 194 -39.70 15.72 26.75
N ARG A 195 -38.62 16.43 26.47
CA ARG A 195 -38.69 17.62 25.63
C ARG A 195 -38.80 17.22 24.16
N THR A 196 -39.03 18.22 23.32
CA THR A 196 -39.17 17.98 21.88
C THR A 196 -37.88 17.41 21.31
N GLY A 197 -38.02 16.36 20.50
CA GLY A 197 -36.86 15.71 19.91
C GLY A 197 -36.75 14.25 20.29
N THR A 198 -35.54 13.71 20.24
CA THR A 198 -35.28 12.31 20.58
C THR A 198 -34.03 12.24 21.45
N LYS A 199 -34.13 11.52 22.56
CA LYS A 199 -33.01 11.31 23.48
C LYS A 199 -32.79 9.82 23.64
N ILE A 200 -31.57 9.37 23.37
CA ILE A 200 -31.22 7.95 23.40
C ILE A 200 -30.23 7.71 24.53
N ILE A 201 -30.56 6.76 25.41
CA ILE A 201 -29.69 6.37 26.52
C ILE A 201 -29.14 4.98 26.22
N ILE A 202 -27.82 4.85 26.28
CA ILE A 202 -27.14 3.60 25.97
C ILE A 202 -26.31 3.19 27.18
N HIS A 203 -26.54 1.98 27.68
CA HIS A 203 -25.77 1.41 28.78
C HIS A 203 -24.75 0.44 28.19
N LEU A 204 -23.47 0.80 28.30
CA LEU A 204 -22.42 0.06 27.60
C LEU A 204 -22.28 -1.34 28.18
N LYS A 205 -21.86 -2.27 27.32
CA LYS A 205 -21.61 -3.64 27.73
C LYS A 205 -20.35 -3.71 28.58
N SER A 206 -20.18 -4.84 29.27
CA SER A 206 -18.99 -5.05 30.09
C SER A 206 -17.73 -5.06 29.24
N ASP A 207 -17.78 -5.71 28.07
CA ASP A 207 -16.63 -5.75 27.19
C ASP A 207 -16.47 -4.48 26.36
N CYS A 208 -17.50 -3.64 26.29
CA CYS A 208 -17.50 -2.43 25.47
C CYS A 208 -17.43 -1.17 26.34
N LYS A 209 -16.70 -1.23 27.45
CA LYS A 209 -16.56 -0.07 28.32
C LYS A 209 -15.61 0.98 27.74
N GLU A 210 -14.91 0.67 26.65
CA GLU A 210 -13.97 1.63 26.07
C GLU A 210 -14.67 2.85 25.49
N PHE A 211 -15.98 2.79 25.25
CA PHE A 211 -16.72 3.91 24.70
C PHE A 211 -17.18 4.90 25.77
N SER A 212 -16.86 4.65 27.03
CA SER A 212 -17.25 5.55 28.12
C SER A 212 -16.29 6.71 28.31
N SER A 213 -15.23 6.79 27.51
CA SER A 213 -14.24 7.85 27.61
C SER A 213 -14.56 8.96 26.62
N GLU A 214 -14.36 10.21 27.06
CA GLU A 214 -14.64 11.36 26.20
C GLU A 214 -13.69 11.41 25.01
N ALA A 215 -12.43 11.03 25.21
CA ALA A 215 -11.45 11.09 24.13
C ALA A 215 -11.83 10.19 22.96
N ARG A 216 -12.32 8.97 23.27
CA ARG A 216 -12.73 8.06 22.21
C ARG A 216 -13.89 8.64 21.41
N VAL A 217 -14.87 9.22 22.09
CA VAL A 217 -16.03 9.79 21.40
C VAL A 217 -15.58 10.97 20.54
N ARG A 218 -14.69 11.81 21.07
CA ARG A 218 -14.17 12.93 20.29
C ARG A 218 -13.45 12.45 19.04
N ASP A 219 -12.63 11.39 19.18
CA ASP A 219 -11.96 10.82 18.02
C ASP A 219 -12.95 10.30 17.00
N VAL A 220 -14.03 9.66 17.48
CA VAL A 220 -15.04 9.13 16.57
C VAL A 220 -15.70 10.26 15.79
N VAL A 221 -16.09 11.34 16.48
CA VAL A 221 -16.73 12.45 15.80
C VAL A 221 -15.77 13.09 14.80
N THR A 222 -14.51 13.25 15.17
CA THR A 222 -13.55 13.82 14.24
C THR A 222 -13.34 12.93 13.01
N LYS A 223 -13.38 11.61 13.21
CA LYS A 223 -13.14 10.69 12.10
C LYS A 223 -14.34 10.64 11.15
N TYR A 224 -15.56 10.52 11.69
CA TYR A 224 -16.76 10.30 10.89
C TYR A 224 -17.65 11.53 10.82
N SER A 225 -18.08 12.07 11.96
CA SER A 225 -19.11 13.11 12.00
C SER A 225 -18.52 14.51 12.13
N ASN A 226 -17.35 14.75 11.54
CA ASN A 226 -16.71 16.06 11.62
C ASN A 226 -17.27 17.05 10.63
N PHE A 227 -18.15 16.63 9.72
CA PHE A 227 -18.71 17.51 8.70
C PHE A 227 -20.24 17.48 8.72
N VAL A 228 -20.82 17.33 9.91
CA VAL A 228 -22.28 17.33 10.03
C VAL A 228 -22.81 18.74 9.81
N SER A 229 -23.88 18.85 9.01
CA SER A 229 -24.44 20.16 8.68
C SER A 229 -24.92 20.89 9.92
N PHE A 230 -25.35 20.17 10.94
CA PHE A 230 -25.84 20.79 12.17
C PHE A 230 -24.75 20.76 13.24
N PRO A 231 -24.76 21.73 14.16
CA PRO A 231 -23.74 21.74 15.21
C PRO A 231 -23.84 20.49 16.09
N LEU A 232 -22.67 19.99 16.48
CA LEU A 232 -22.57 18.80 17.32
C LEU A 232 -21.88 19.18 18.63
N TYR A 233 -22.49 18.79 19.75
CA TYR A 233 -21.96 19.10 21.07
C TYR A 233 -21.66 17.80 21.81
N LEU A 234 -20.45 17.68 22.32
CA LEU A 234 -20.04 16.57 23.17
C LEU A 234 -19.72 17.13 24.55
N ASN A 235 -20.60 16.85 25.52
CA ASN A 235 -20.47 17.35 26.88
C ASN A 235 -20.47 18.88 26.92
N GLY A 236 -21.19 19.51 26.00
CA GLY A 236 -21.39 20.94 26.03
C GLY A 236 -20.40 21.78 25.24
N ARG A 237 -19.62 21.18 24.35
CA ARG A 237 -18.66 21.93 23.56
C ARG A 237 -18.80 21.57 22.09
N ARG A 238 -18.62 22.57 21.23
CA ARG A 238 -18.72 22.40 19.79
C ARG A 238 -17.32 22.27 19.20
N MET A 239 -17.10 21.26 18.36
CA MET A 239 -15.76 21.01 17.83
C MET A 239 -15.76 20.65 16.34
N ASN A 240 -16.80 21.00 15.58
CA ASN A 240 -16.81 20.63 14.17
C ASN A 240 -15.86 21.52 13.37
N THR A 241 -16.12 22.83 13.35
CA THR A 241 -15.25 23.84 12.76
C THR A 241 -14.87 23.54 11.32
N LEU A 242 -15.68 22.75 10.61
CA LEU A 242 -15.40 22.39 9.22
C LEU A 242 -16.75 22.32 8.49
N GLN A 243 -17.10 23.39 7.80
CA GLN A 243 -18.41 23.50 7.15
C GLN A 243 -18.38 23.03 5.70
N ALA A 244 -17.83 21.84 5.47
CA ALA A 244 -17.86 21.16 4.17
C ALA A 244 -17.44 22.09 3.03
N ILE A 245 -16.17 22.50 3.07
CA ILE A 245 -15.66 23.45 2.10
C ILE A 245 -15.71 22.92 0.68
N TRP A 246 -15.85 21.61 0.50
CA TRP A 246 -15.96 21.04 -0.84
C TRP A 246 -17.36 21.18 -1.43
N MET A 247 -18.35 21.53 -0.62
CA MET A 247 -19.72 21.64 -1.09
C MET A 247 -20.08 23.03 -1.61
N MET A 248 -19.19 24.02 -1.45
CA MET A 248 -19.46 25.38 -1.87
C MET A 248 -18.72 25.69 -3.17
N ASP A 249 -18.83 26.93 -3.61
CA ASP A 249 -18.21 27.36 -4.85
C ASP A 249 -16.69 27.36 -4.70
N PRO A 250 -15.95 26.73 -5.61
CA PRO A 250 -14.48 26.79 -5.52
C PRO A 250 -13.93 28.20 -5.59
N LYS A 251 -14.57 29.08 -6.36
CA LYS A 251 -14.13 30.48 -6.40
C LYS A 251 -14.37 31.17 -5.06
N ASP A 252 -15.49 30.87 -4.40
CA ASP A 252 -15.80 31.52 -3.13
C ASP A 252 -14.79 31.16 -2.05
N VAL A 253 -14.41 29.89 -1.97
CA VAL A 253 -13.46 29.45 -0.96
C VAL A 253 -12.05 29.90 -1.36
N GLY A 254 -11.30 30.43 -0.40
CA GLY A 254 -9.96 30.90 -0.66
C GLY A 254 -8.92 29.80 -0.55
N GLU A 255 -7.68 30.17 -0.82
CA GLU A 255 -6.56 29.24 -0.74
C GLU A 255 -6.06 29.00 0.68
N TRP A 256 -6.45 29.87 1.62
CA TRP A 256 -6.01 29.68 3.01
C TRP A 256 -6.69 28.48 3.64
N GLN A 257 -8.00 28.31 3.39
CA GLN A 257 -8.72 27.17 3.94
C GLN A 257 -8.32 25.85 3.30
N HIS A 258 -7.78 25.89 2.08
CA HIS A 258 -7.35 24.66 1.43
C HIS A 258 -6.21 24.00 2.18
N GLU A 259 -5.24 24.81 2.64
CA GLU A 259 -4.11 24.25 3.38
C GLU A 259 -4.56 23.63 4.70
N GLU A 260 -5.45 24.29 5.43
CA GLU A 260 -5.93 23.75 6.69
C GLU A 260 -6.73 22.47 6.47
N PHE A 261 -7.58 22.44 5.45
CA PHE A 261 -8.36 21.25 5.16
C PHE A 261 -7.45 20.10 4.70
N TYR A 262 -6.45 20.41 3.89
CA TYR A 262 -5.54 19.36 3.41
C TYR A 262 -4.78 18.72 4.56
N ARG A 263 -4.34 19.54 5.52
CA ARG A 263 -3.59 19.01 6.66
C ARG A 263 -4.45 18.10 7.53
N TYR A 264 -5.78 18.21 7.45
CA TYR A 264 -6.67 17.39 8.25
C TYR A 264 -6.95 16.04 7.59
N VAL A 265 -7.36 16.04 6.32
CA VAL A 265 -7.70 14.80 5.64
C VAL A 265 -6.45 13.95 5.39
N ALA A 266 -5.35 14.59 5.04
CA ALA A 266 -4.11 13.88 4.75
C ALA A 266 -3.29 13.57 5.99
N GLN A 267 -3.66 14.13 7.15
CA GLN A 267 -2.94 13.92 8.40
C GLN A 267 -1.46 14.30 8.26
N ALA A 268 -1.20 15.41 7.55
CA ALA A 268 0.14 15.89 7.31
C ALA A 268 0.24 17.35 7.75
N HIS A 269 1.44 17.92 7.63
CA HIS A 269 1.69 19.29 8.04
C HIS A 269 2.17 20.19 6.91
N ASP A 270 2.40 19.63 5.72
CA ASP A 270 2.90 20.42 4.60
C ASP A 270 1.73 21.13 3.91
N LYS A 271 1.99 21.71 2.75
CA LYS A 271 1.00 22.43 1.98
C LYS A 271 0.78 21.75 0.63
N PRO A 272 -0.42 21.89 0.04
CA PRO A 272 -0.67 21.29 -1.28
C PRO A 272 -0.13 22.18 -2.40
N ARG A 273 0.68 21.59 -3.28
CA ARG A 273 1.22 22.34 -4.41
C ARG A 273 0.16 22.58 -5.48
N TYR A 274 -0.83 21.70 -5.58
CA TYR A 274 -1.91 21.82 -6.55
C TYR A 274 -3.25 21.64 -5.84
N THR A 275 -4.27 22.30 -6.39
CA THR A 275 -5.62 22.25 -5.82
C THR A 275 -6.62 22.13 -6.97
N LEU A 276 -7.23 20.96 -7.09
CA LEU A 276 -8.23 20.69 -8.12
C LEU A 276 -9.57 20.49 -7.45
N HIS A 277 -10.50 21.42 -7.68
CA HIS A 277 -11.85 21.37 -7.13
C HIS A 277 -12.80 20.98 -8.26
N TYR A 278 -13.10 19.68 -8.35
CA TYR A 278 -13.97 19.15 -9.39
C TYR A 278 -15.41 19.13 -8.88
N LYS A 279 -16.31 19.76 -9.61
CA LYS A 279 -17.72 19.79 -9.24
C LYS A 279 -18.67 19.47 -10.38
N THR A 280 -18.20 19.38 -11.62
CA THR A 280 -19.06 18.99 -12.72
C THR A 280 -19.54 17.55 -12.52
N ASP A 281 -20.85 17.36 -12.66
CA ASP A 281 -21.49 16.07 -12.37
C ASP A 281 -22.07 15.50 -13.65
N ALA A 282 -21.23 14.84 -14.45
CA ALA A 282 -21.74 14.11 -15.61
C ALA A 282 -22.27 12.74 -15.21
N PRO A 283 -21.47 11.84 -14.57
CA PRO A 283 -22.02 10.53 -14.21
C PRO A 283 -22.78 10.54 -12.90
N LEU A 284 -22.30 11.32 -11.93
CA LEU A 284 -22.88 11.35 -10.60
C LEU A 284 -22.58 12.72 -9.98
N ASN A 285 -23.35 13.05 -8.94
CA ASN A 285 -23.21 14.34 -8.25
C ASN A 285 -21.92 14.31 -7.44
N ILE A 286 -20.81 14.60 -8.11
CA ILE A 286 -19.48 14.53 -7.51
C ILE A 286 -19.08 15.91 -7.02
N ARG A 287 -18.73 15.99 -5.73
CA ARG A 287 -18.18 17.20 -5.11
C ARG A 287 -16.88 16.78 -4.44
N SER A 288 -15.78 16.83 -5.19
CA SER A 288 -14.50 16.32 -4.72
C SER A 288 -13.43 17.38 -4.85
N ILE A 289 -12.46 17.33 -3.94
CA ILE A 289 -11.31 18.22 -3.94
C ILE A 289 -10.05 17.38 -3.84
N PHE A 290 -9.05 17.72 -4.65
CA PHE A 290 -7.82 16.95 -4.72
C PHE A 290 -6.62 17.83 -4.40
N TYR A 291 -5.68 17.27 -3.66
CA TYR A 291 -4.47 17.97 -3.24
C TYR A 291 -3.25 17.12 -3.56
N VAL A 292 -2.15 17.77 -3.94
CA VAL A 292 -0.88 17.12 -4.22
C VAL A 292 0.10 17.48 -3.10
N PRO A 293 0.56 16.52 -2.31
CA PRO A 293 1.46 16.84 -1.20
C PRO A 293 2.79 17.40 -1.69
N ASP A 294 3.36 18.31 -0.89
CA ASP A 294 4.67 18.86 -1.21
C ASP A 294 5.78 17.86 -0.93
N MET A 295 5.66 17.11 0.16
CA MET A 295 6.70 16.16 0.56
C MET A 295 6.69 14.97 -0.39
N LYS A 296 7.67 14.93 -1.29
CA LYS A 296 7.77 13.84 -2.23
C LYS A 296 8.19 12.56 -1.50
N PRO A 297 7.71 11.39 -1.97
CA PRO A 297 8.06 10.10 -1.35
C PRO A 297 9.52 9.71 -1.59
N SER A 309 -5.52 6.84 -0.81
CA SER A 309 -5.22 7.81 0.25
C SER A 309 -6.32 8.85 0.36
N VAL A 310 -7.21 8.88 -0.63
CA VAL A 310 -8.33 9.82 -0.64
C VAL A 310 -9.44 9.28 0.25
N ALA A 311 -10.04 10.16 1.05
CA ALA A 311 -11.10 9.77 1.97
C ALA A 311 -12.45 9.87 1.25
N LEU A 312 -13.18 8.76 1.21
CA LEU A 312 -14.48 8.74 0.55
C LEU A 312 -15.56 9.25 1.49
N TYR A 313 -16.43 10.11 0.97
CA TYR A 313 -17.52 10.69 1.74
C TYR A 313 -18.83 10.50 0.99
N SER A 314 -19.92 10.41 1.74
CA SER A 314 -21.26 10.28 1.17
C SER A 314 -22.23 11.07 2.05
N ARG A 315 -22.84 12.10 1.47
CA ARG A 315 -23.78 12.96 2.17
C ARG A 315 -23.14 13.55 3.43
N LYS A 316 -21.90 14.04 3.26
CA LYS A 316 -21.13 14.65 4.35
C LYS A 316 -20.89 13.67 5.50
N VAL A 317 -20.81 12.37 5.19
CA VAL A 317 -20.49 11.33 6.16
C VAL A 317 -19.37 10.49 5.58
N LEU A 318 -18.31 10.30 6.37
CA LEU A 318 -17.16 9.53 5.89
C LEU A 318 -17.54 8.07 5.69
N ILE A 319 -17.05 7.50 4.59
CA ILE A 319 -17.29 6.09 4.26
C ILE A 319 -16.04 5.25 4.52
N GLN A 320 -14.91 5.64 3.92
CA GLN A 320 -13.64 4.95 4.13
C GLN A 320 -12.50 5.95 3.97
N THR A 321 -11.49 5.81 4.82
CA THR A 321 -10.34 6.70 4.77
C THR A 321 -9.40 6.39 3.61
N LYS A 322 -9.28 5.13 3.21
CA LYS A 322 -8.34 4.72 2.17
C LYS A 322 -8.94 4.85 0.78
N ALA A 323 -10.04 4.14 0.52
CA ALA A 323 -10.78 4.24 -0.74
C ALA A 323 -9.89 3.99 -1.95
N THR A 324 -9.36 2.77 -2.02
CA THR A 324 -8.49 2.36 -3.12
C THR A 324 -9.26 1.92 -4.36
N ASP A 325 -10.55 2.25 -4.46
CA ASP A 325 -11.38 1.85 -5.60
C ASP A 325 -11.79 3.03 -6.47
N ILE A 326 -12.23 4.14 -5.86
CA ILE A 326 -12.69 5.29 -6.63
C ILE A 326 -11.57 5.89 -7.48
N LEU A 327 -10.32 5.70 -7.09
CA LEU A 327 -9.20 6.24 -7.83
C LEU A 327 -8.22 5.12 -8.19
N PRO A 328 -7.51 5.26 -9.30
CA PRO A 328 -6.52 4.25 -9.68
C PRO A 328 -5.36 4.20 -8.70
N LYS A 329 -4.66 3.06 -8.73
CA LYS A 329 -3.54 2.85 -7.82
C LYS A 329 -2.44 3.89 -8.03
N TRP A 330 -2.15 4.22 -9.29
CA TRP A 330 -1.10 5.18 -9.59
C TRP A 330 -1.47 6.61 -9.22
N LEU A 331 -2.76 6.88 -8.94
CA LEU A 331 -3.20 8.19 -8.49
C LEU A 331 -3.37 8.26 -6.98
N ARG A 332 -2.88 7.26 -6.24
CA ARG A 332 -2.99 7.26 -4.79
C ARG A 332 -2.13 8.32 -4.13
N PHE A 333 -1.21 8.95 -4.87
CA PHE A 333 -0.32 9.94 -4.27
C PHE A 333 -1.04 11.24 -3.94
N ILE A 334 -2.21 11.48 -4.51
CA ILE A 334 -2.95 12.71 -4.21
C ILE A 334 -3.76 12.52 -2.93
N ARG A 335 -4.21 13.64 -2.37
CA ARG A 335 -4.98 13.64 -1.14
C ARG A 335 -6.19 14.54 -1.29
N GLY A 336 -7.21 14.27 -0.48
CA GLY A 336 -8.44 15.02 -0.52
C GLY A 336 -9.61 14.12 -0.18
N VAL A 337 -10.81 14.56 -0.59
CA VAL A 337 -12.03 13.81 -0.35
C VAL A 337 -12.84 13.75 -1.64
N VAL A 338 -13.67 12.73 -1.75
CA VAL A 338 -14.59 12.55 -2.86
C VAL A 338 -15.97 12.30 -2.27
N ASP A 339 -16.85 13.30 -2.38
CA ASP A 339 -18.18 13.24 -1.79
C ASP A 339 -19.22 13.18 -2.90
N SER A 340 -20.12 12.20 -2.80
CA SER A 340 -21.22 12.05 -3.75
C SER A 340 -22.47 11.63 -3.00
N GLU A 341 -23.61 12.19 -3.40
CA GLU A 341 -24.88 11.95 -2.75
C GLU A 341 -25.73 10.89 -3.44
N ASP A 342 -25.20 10.25 -4.49
CA ASP A 342 -25.98 9.29 -5.25
C ASP A 342 -25.29 7.94 -5.46
N ILE A 343 -24.09 7.75 -4.91
CA ILE A 343 -23.39 6.47 -5.05
C ILE A 343 -24.12 5.41 -4.22
N PRO A 344 -24.13 4.15 -4.64
CA PRO A 344 -24.77 3.10 -3.83
C PRO A 344 -23.82 2.62 -2.73
N LEU A 345 -24.35 2.54 -1.52
CA LEU A 345 -23.59 2.13 -0.35
C LEU A 345 -24.04 0.76 0.12
N ASN A 346 -23.11 0.01 0.69
CA ASN A 346 -23.41 -1.32 1.21
C ASN A 346 -24.21 -1.20 2.51
N LEU A 347 -24.70 -2.34 2.99
CA LEU A 347 -25.47 -2.36 4.23
C LEU A 347 -24.63 -1.89 5.42
N SER A 348 -23.33 -2.18 5.40
CA SER A 348 -22.41 -1.73 6.43
C SER A 348 -21.89 -0.32 6.18
N ARG A 349 -22.58 0.45 5.33
CA ARG A 349 -22.20 1.83 5.02
C ARG A 349 -20.78 1.92 4.47
N GLU A 350 -20.43 1.00 3.57
CA GLU A 350 -19.16 1.01 2.88
C GLU A 350 -19.40 0.97 1.38
N LEU A 351 -18.40 1.38 0.61
CA LEU A 351 -18.56 1.58 -0.83
C LEU A 351 -18.89 0.26 -1.52
N LEU A 352 -19.81 0.33 -2.48
CA LEU A 352 -20.12 -0.83 -3.31
C LEU A 352 -19.00 -1.04 -4.32
N GLN A 353 -18.00 -1.84 -3.93
CA GLN A 353 -16.78 -1.94 -4.71
C GLN A 353 -17.03 -2.53 -6.09
N GLU A 354 -16.45 -1.89 -7.10
CA GLU A 354 -16.50 -2.36 -8.49
C GLU A 354 -17.93 -2.62 -8.95
N SER A 355 -18.81 -1.68 -8.64
CA SER A 355 -20.19 -1.76 -9.10
C SER A 355 -20.27 -1.36 -10.58
N ALA A 356 -21.46 -1.55 -11.16
CA ALA A 356 -21.67 -1.23 -12.56
C ALA A 356 -21.52 0.27 -12.84
N LEU A 357 -21.62 1.11 -11.81
CA LEU A 357 -21.49 2.55 -11.97
C LEU A 357 -20.22 3.12 -11.35
N ILE A 358 -19.63 2.42 -10.38
CA ILE A 358 -18.41 2.92 -9.75
C ILE A 358 -17.25 2.94 -10.73
N ARG A 359 -17.18 1.95 -11.62
CA ARG A 359 -16.10 1.90 -12.59
C ARG A 359 -16.10 3.11 -13.51
N LYS A 360 -17.28 3.63 -13.84
CA LYS A 360 -17.35 4.85 -14.64
C LYS A 360 -16.78 6.04 -13.88
N LEU A 361 -16.96 6.07 -12.56
CA LEU A 361 -16.43 7.16 -11.75
C LEU A 361 -14.91 7.20 -11.79
N ARG A 362 -14.27 6.02 -11.74
CA ARG A 362 -12.81 5.97 -11.76
C ARG A 362 -12.25 6.53 -13.07
N ASP A 363 -12.89 6.18 -14.20
CA ASP A 363 -12.44 6.72 -15.48
C ASP A 363 -12.63 8.22 -15.56
N VAL A 364 -13.76 8.72 -15.05
CA VAL A 364 -14.03 10.16 -15.07
C VAL A 364 -13.02 10.90 -14.19
N LEU A 365 -12.78 10.38 -12.98
CA LEU A 365 -11.84 11.01 -12.08
C LEU A 365 -10.42 10.97 -12.63
N GLN A 366 -10.02 9.83 -13.22
CA GLN A 366 -8.68 9.73 -13.81
C GLN A 366 -8.51 10.69 -14.96
N GLN A 367 -9.53 10.80 -15.83
CA GLN A 367 -9.44 11.71 -16.96
C GLN A 367 -9.38 13.16 -16.51
N ARG A 368 -10.17 13.52 -15.49
CA ARG A 368 -10.15 14.90 -14.99
C ARG A 368 -8.81 15.24 -14.37
N LEU A 369 -8.23 14.33 -13.59
CA LEU A 369 -6.93 14.59 -12.98
C LEU A 369 -5.84 14.67 -14.03
N ILE A 370 -5.89 13.80 -15.05
CA ILE A 370 -4.92 13.86 -16.13
C ILE A 370 -5.04 15.18 -16.89
N LYS A 371 -6.27 15.59 -17.20
CA LYS A 371 -6.47 16.87 -17.88
C LYS A 371 -6.01 18.04 -17.00
N PHE A 372 -6.29 17.97 -15.70
CA PHE A 372 -5.86 19.02 -14.79
C PHE A 372 -4.33 19.11 -14.73
N PHE A 373 -3.66 17.96 -14.71
CA PHE A 373 -2.19 17.96 -14.67
C PHE A 373 -1.61 18.55 -15.95
N ILE A 374 -2.22 18.27 -17.10
CA ILE A 374 -1.75 18.83 -18.37
C ILE A 374 -1.87 20.34 -18.35
N ASP A 375 -3.00 20.86 -17.86
CA ASP A 375 -3.18 22.31 -17.80
C ASP A 375 -2.19 22.96 -16.83
N GLN A 376 -1.77 22.24 -15.80
CA GLN A 376 -0.79 22.78 -14.87
C GLN A 376 0.56 23.01 -15.56
N SER A 377 0.96 22.08 -16.43
CA SER A 377 2.22 22.24 -17.15
C SER A 377 2.19 23.44 -18.07
N LYS A 378 1.08 23.67 -18.77
CA LYS A 378 0.99 24.80 -19.68
C LYS A 378 1.04 26.13 -18.93
N LYS A 379 0.33 26.23 -17.81
CA LYS A 379 0.32 27.48 -17.06
C LYS A 379 1.61 27.70 -16.28
N ASP A 380 2.30 26.63 -15.89
CA ASP A 380 3.55 26.75 -15.15
C ASP A 380 4.42 25.54 -15.49
N ALA A 381 5.34 25.72 -16.44
CA ALA A 381 6.21 24.62 -16.83
C ALA A 381 7.23 24.29 -15.75
N GLU A 382 7.79 25.32 -15.11
CA GLU A 382 8.80 25.09 -14.07
C GLU A 382 8.20 24.37 -12.87
N LYS A 383 7.00 24.76 -12.45
CA LYS A 383 6.36 24.11 -11.31
C LYS A 383 6.04 22.65 -11.63
N TYR A 384 5.56 22.38 -12.84
CA TYR A 384 5.26 21.00 -13.23
C TYR A 384 6.53 20.17 -13.29
N ALA A 385 7.65 20.76 -13.74
CA ALA A 385 8.91 20.03 -13.78
C ALA A 385 9.33 19.59 -12.39
N LYS A 386 9.18 20.47 -11.39
CA LYS A 386 9.43 20.08 -10.01
C LYS A 386 8.43 19.03 -9.56
N PHE A 387 7.16 19.17 -9.96
CA PHE A 387 6.16 18.17 -9.62
C PHE A 387 6.44 16.83 -10.31
N PHE A 388 6.87 16.87 -11.58
CA PHE A 388 7.12 15.63 -12.31
C PHE A 388 8.29 14.87 -11.70
N GLU A 389 9.37 15.56 -11.33
CA GLU A 389 10.52 14.90 -10.74
C GLU A 389 10.24 14.37 -9.34
N ASP A 390 9.12 14.77 -8.73
CA ASP A 390 8.76 14.28 -7.41
C ASP A 390 7.87 13.05 -7.46
N TYR A 391 6.87 13.04 -8.34
CA TYR A 391 5.94 11.93 -8.47
C TYR A 391 6.03 11.25 -9.84
N GLY A 392 7.25 11.21 -10.39
CA GLY A 392 7.43 10.58 -11.69
C GLY A 392 7.17 9.09 -11.66
N LEU A 393 7.54 8.42 -10.56
CA LEU A 393 7.35 6.98 -10.47
C LEU A 393 5.88 6.61 -10.47
N PHE A 394 5.01 7.48 -9.92
CA PHE A 394 3.58 7.19 -9.94
C PHE A 394 3.04 7.17 -11.35
N MET A 395 3.45 8.14 -12.18
CA MET A 395 3.01 8.15 -13.58
C MET A 395 3.54 6.94 -14.33
N ARG A 396 4.81 6.57 -14.08
CA ARG A 396 5.37 5.40 -14.73
C ARG A 396 4.70 4.12 -14.27
N GLU A 397 4.28 4.06 -13.01
CA GLU A 397 3.60 2.87 -12.50
C GLU A 397 2.28 2.63 -13.21
N GLY A 398 1.53 3.71 -13.47
CA GLY A 398 0.23 3.55 -14.10
C GLY A 398 0.31 2.99 -15.51
N ILE A 399 1.28 3.48 -16.29
CA ILE A 399 1.40 3.04 -17.68
C ILE A 399 1.71 1.55 -17.74
N VAL A 400 2.63 1.08 -16.89
CA VAL A 400 2.98 -0.34 -16.89
C VAL A 400 1.79 -1.19 -16.45
N THR A 401 1.07 -0.75 -15.42
CA THR A 401 -0.03 -1.53 -14.86
C THR A 401 -1.36 -1.30 -15.57
N ALA A 402 -1.41 -0.37 -16.52
CA ALA A 402 -2.65 -0.11 -17.24
C ALA A 402 -3.00 -1.29 -18.15
N THR A 403 -4.30 -1.50 -18.34
CA THR A 403 -4.81 -2.57 -19.20
C THR A 403 -5.21 -2.07 -20.58
N GLU A 404 -6.10 -1.08 -20.63
CA GLU A 404 -6.58 -0.57 -21.91
C GLU A 404 -5.57 0.42 -22.48
N GLN A 405 -5.35 0.33 -23.80
CA GLN A 405 -4.24 1.05 -24.43
C GLN A 405 -4.42 2.56 -24.36
N GLU A 406 -5.63 3.06 -24.64
CA GLU A 406 -5.85 4.50 -24.68
C GLU A 406 -5.63 5.15 -23.31
N VAL A 407 -5.81 4.39 -22.23
CA VAL A 407 -5.54 4.92 -20.89
C VAL A 407 -4.07 5.27 -20.75
N LYS A 408 -3.18 4.43 -21.28
CA LYS A 408 -1.75 4.73 -21.23
C LYS A 408 -1.41 6.01 -21.99
N GLU A 409 -2.14 6.29 -23.08
CA GLU A 409 -1.85 7.47 -23.87
C GLU A 409 -2.06 8.75 -23.07
N ASP A 410 -3.13 8.81 -22.27
CA ASP A 410 -3.38 9.99 -21.44
C ASP A 410 -2.29 10.16 -20.39
N ILE A 411 -1.88 9.07 -19.75
CA ILE A 411 -0.80 9.14 -18.77
C ILE A 411 0.52 9.47 -19.46
N ALA A 412 0.73 8.97 -20.68
CA ALA A 412 1.97 9.25 -21.40
C ALA A 412 2.15 10.73 -21.68
N LYS A 413 1.04 11.47 -21.83
CA LYS A 413 1.13 12.91 -22.02
C LYS A 413 1.71 13.63 -20.80
N LEU A 414 1.66 13.00 -19.63
CA LEU A 414 2.22 13.59 -18.42
C LEU A 414 3.72 13.37 -18.30
N LEU A 415 4.30 12.48 -19.11
CA LEU A 415 5.73 12.22 -19.03
C LEU A 415 6.53 13.39 -19.60
N ARG A 416 7.68 13.65 -19.00
CA ARG A 416 8.57 14.72 -19.42
C ARG A 416 9.95 14.14 -19.67
N TYR A 417 10.53 14.46 -20.83
CA TYR A 417 11.86 13.98 -21.19
C TYR A 417 12.62 15.11 -21.87
N GLU A 418 13.94 15.02 -21.80
CA GLU A 418 14.83 15.98 -22.46
C GLU A 418 15.34 15.40 -23.77
N SER A 419 15.22 16.18 -24.84
CA SER A 419 15.61 15.75 -26.17
C SER A 419 17.04 16.21 -26.48
N SER A 420 17.65 15.53 -27.45
CA SER A 420 19.02 15.85 -27.85
C SER A 420 19.10 17.16 -28.63
N ALA A 421 18.00 17.62 -29.20
CA ALA A 421 17.98 18.85 -29.99
C ALA A 421 17.66 20.08 -29.16
N LEU A 422 17.50 19.94 -27.85
CA LEU A 422 17.18 21.05 -26.97
C LEU A 422 18.16 21.05 -25.80
N PRO A 423 18.55 22.24 -25.33
CA PRO A 423 19.55 22.31 -24.26
C PRO A 423 19.09 21.63 -22.98
N SER A 424 20.06 21.10 -22.24
CA SER A 424 19.78 20.37 -21.02
C SER A 424 19.16 21.27 -19.95
N GLY A 425 18.48 20.64 -19.00
CA GLY A 425 17.81 21.36 -17.93
C GLY A 425 16.35 21.68 -18.19
N GLN A 426 15.86 21.45 -19.41
CA GLN A 426 14.47 21.69 -19.75
C GLN A 426 13.84 20.39 -20.25
N LEU A 427 12.65 20.08 -19.75
CA LEU A 427 11.95 18.86 -20.10
C LEU A 427 10.89 19.14 -21.17
N THR A 428 10.74 18.17 -22.08
CA THR A 428 9.77 18.26 -23.17
C THR A 428 8.81 17.09 -23.09
N SER A 429 7.53 17.37 -23.29
CA SER A 429 6.51 16.33 -23.26
C SER A 429 6.55 15.50 -24.53
N LEU A 430 5.95 14.31 -24.46
CA LEU A 430 5.86 13.45 -25.62
C LEU A 430 5.00 14.08 -26.72
N SER A 431 3.91 14.74 -26.31
CA SER A 431 3.03 15.38 -27.29
C SER A 431 3.75 16.51 -28.03
N GLU A 432 4.51 17.33 -27.28
CA GLU A 432 5.26 18.40 -27.93
C GLU A 432 6.47 17.89 -28.68
N TYR A 433 6.93 16.67 -28.39
CA TYR A 433 8.03 16.08 -29.15
C TYR A 433 7.60 15.84 -30.60
N ALA A 434 6.36 15.39 -30.80
CA ALA A 434 5.84 15.15 -32.14
C ALA A 434 5.46 16.43 -32.87
N SER A 435 5.38 17.56 -32.17
CA SER A 435 5.04 18.81 -32.84
C SER A 435 6.12 19.21 -33.85
N ARG A 436 7.39 19.04 -33.49
CA ARG A 436 8.49 19.33 -34.37
C ARG A 436 8.95 18.10 -35.16
N MET A 437 8.28 16.97 -34.97
CA MET A 437 8.63 15.76 -35.69
C MET A 437 8.23 15.87 -37.17
N ARG A 438 9.08 15.33 -38.04
CA ARG A 438 8.84 15.44 -39.47
C ARG A 438 7.67 14.55 -39.89
N ALA A 439 7.03 14.93 -41.00
CA ALA A 439 5.94 14.12 -41.53
C ALA A 439 6.44 12.76 -42.02
N GLY A 440 7.63 12.73 -42.64
CA GLY A 440 8.16 11.47 -43.13
C GLY A 440 8.44 10.48 -42.03
N THR A 441 9.00 10.95 -40.91
CA THR A 441 9.26 10.08 -39.78
C THR A 441 7.96 9.61 -39.15
N ARG A 442 7.93 8.35 -38.72
CA ARG A 442 6.73 7.76 -38.15
C ARG A 442 6.96 7.01 -36.84
N ASN A 443 8.20 6.91 -36.36
CA ASN A 443 8.51 6.21 -35.13
C ASN A 443 9.27 7.13 -34.18
N ILE A 444 9.00 6.96 -32.88
CA ILE A 444 9.63 7.78 -31.84
C ILE A 444 10.88 7.06 -31.35
N TYR A 445 12.00 7.78 -31.33
CA TYR A 445 13.28 7.23 -30.89
C TYR A 445 13.56 7.70 -29.47
N TYR A 446 13.82 6.74 -28.58
CA TYR A 446 14.15 7.04 -27.18
C TYR A 446 15.39 6.27 -26.78
N LEU A 447 16.18 6.88 -25.89
CA LEU A 447 17.41 6.28 -25.38
C LEU A 447 17.38 6.33 -23.86
N CYS A 448 17.68 5.19 -23.22
CA CYS A 448 17.71 5.09 -21.77
C CYS A 448 19.16 5.09 -21.32
N ALA A 449 19.58 6.16 -20.67
CA ALA A 449 20.95 6.32 -20.19
C ALA A 449 20.95 6.81 -18.75
N PRO A 450 22.00 6.49 -17.98
CA PRO A 450 22.08 7.02 -16.61
C PRO A 450 22.09 8.54 -16.56
N ASN A 451 22.71 9.21 -17.53
CA ASN A 451 22.76 10.66 -17.56
C ASN A 451 22.95 11.12 -19.00
N ARG A 452 22.92 12.45 -19.19
CA ARG A 452 23.00 13.00 -20.53
C ARG A 452 24.42 12.90 -21.10
N HIS A 453 25.44 12.91 -20.24
CA HIS A 453 26.81 12.85 -20.73
C HIS A 453 27.07 11.56 -21.49
N LEU A 454 26.61 10.42 -20.96
CA LEU A 454 26.77 9.16 -21.66
C LEU A 454 25.89 9.10 -22.91
N ALA A 455 24.66 9.64 -22.81
CA ALA A 455 23.75 9.60 -23.95
C ALA A 455 24.26 10.44 -25.10
N GLU A 456 24.81 11.63 -24.82
CA GLU A 456 25.27 12.53 -25.87
C GLU A 456 26.55 12.04 -26.54
N HIS A 457 27.25 11.07 -25.96
CA HIS A 457 28.50 10.59 -26.51
C HIS A 457 28.46 9.13 -26.96
N SER A 458 27.34 8.44 -26.75
CA SER A 458 27.23 7.04 -27.16
C SER A 458 27.25 6.94 -28.68
N PRO A 459 27.92 5.93 -29.23
CA PRO A 459 27.91 5.75 -30.70
C PRO A 459 26.52 5.49 -31.25
N TYR A 460 25.64 4.86 -30.46
CA TYR A 460 24.27 4.63 -30.93
C TYR A 460 23.55 5.95 -31.18
N TYR A 461 23.72 6.92 -30.27
CA TYR A 461 23.18 8.25 -30.51
C TYR A 461 23.89 8.94 -31.67
N GLU A 462 25.21 8.71 -31.80
CA GLU A 462 25.96 9.31 -32.90
C GLU A 462 25.44 8.82 -34.24
N ALA A 463 25.00 7.57 -34.32
CA ALA A 463 24.36 7.08 -35.54
C ALA A 463 23.09 7.87 -35.85
N MET A 464 22.29 8.15 -34.82
CA MET A 464 21.12 9.01 -34.99
C MET A 464 21.53 10.47 -35.14
N LYS A 465 22.68 10.86 -34.58
CA LYS A 465 23.15 12.23 -34.70
C LYS A 465 23.61 12.56 -36.10
N LYS A 466 23.91 11.55 -36.93
CA LYS A 466 24.30 11.82 -38.31
C LYS A 466 23.19 12.52 -39.07
N LYS A 467 21.96 12.08 -38.88
CA LYS A 467 20.80 12.80 -39.39
C LYS A 467 20.35 13.85 -38.38
N ASP A 468 19.45 14.72 -38.81
CA ASP A 468 19.02 15.85 -37.98
C ASP A 468 17.90 15.44 -37.02
N THR A 469 17.53 14.16 -37.01
CA THR A 469 16.49 13.69 -36.11
C THR A 469 16.93 13.82 -34.66
N GLU A 470 15.94 13.91 -33.76
CA GLU A 470 16.17 14.04 -32.34
C GLU A 470 15.68 12.78 -31.63
N VAL A 471 16.35 12.46 -30.52
CA VAL A 471 16.04 11.26 -29.73
C VAL A 471 15.78 11.68 -28.29
N LEU A 472 14.71 11.15 -27.72
CA LEU A 472 14.40 11.43 -26.32
C LEU A 472 15.33 10.66 -25.40
N PHE A 473 15.68 11.29 -24.28
CA PHE A 473 16.60 10.71 -23.30
C PHE A 473 15.82 10.35 -22.04
N CYS A 474 16.00 9.11 -21.58
CA CYS A 474 15.35 8.61 -20.38
C CYS A 474 16.42 8.40 -19.31
N PHE A 475 16.25 9.07 -18.17
CA PHE A 475 17.22 9.02 -17.09
C PHE A 475 16.69 8.39 -15.81
N GLU A 476 15.42 8.64 -15.48
CA GLU A 476 14.86 8.11 -14.25
C GLU A 476 14.73 6.60 -14.31
N GLN A 477 14.72 5.97 -13.14
CA GLN A 477 14.62 4.53 -13.06
C GLN A 477 13.24 4.07 -13.54
N PHE A 478 13.20 2.84 -14.06
CA PHE A 478 12.01 2.20 -14.61
C PHE A 478 11.48 2.89 -15.87
N ASP A 479 12.26 3.81 -16.45
CA ASP A 479 11.84 4.44 -17.70
C ASP A 479 11.81 3.45 -18.85
N GLU A 480 12.79 2.53 -18.89
CA GLU A 480 12.82 1.55 -19.96
C GLU A 480 11.61 0.63 -19.92
N LEU A 481 11.20 0.21 -18.72
CA LEU A 481 10.02 -0.62 -18.59
C LEU A 481 8.76 0.13 -19.02
N THR A 482 8.66 1.41 -18.63
CA THR A 482 7.48 2.20 -19.00
C THR A 482 7.42 2.42 -20.50
N LEU A 483 8.57 2.74 -21.13
CA LEU A 483 8.59 2.96 -22.56
C LEU A 483 8.26 1.68 -23.32
N LEU A 484 8.78 0.54 -22.87
CA LEU A 484 8.46 -0.74 -23.51
C LEU A 484 6.99 -1.07 -23.34
N HIS A 485 6.44 -0.83 -22.15
CA HIS A 485 5.03 -1.14 -21.90
C HIS A 485 4.11 -0.22 -22.69
N LEU A 486 4.48 1.05 -22.81
CA LEU A 486 3.66 2.00 -23.57
C LEU A 486 3.55 1.58 -25.04
N ARG A 487 4.69 1.37 -25.68
CA ARG A 487 4.79 0.72 -26.98
C ARG A 487 4.17 1.53 -28.12
N GLU A 488 3.54 2.66 -27.80
CA GLU A 488 2.87 3.47 -28.81
C GLU A 488 2.48 4.80 -28.22
N PHE A 489 2.51 5.84 -29.05
CA PHE A 489 2.07 7.18 -28.64
C PHE A 489 1.68 7.94 -29.90
N ASP A 490 0.44 8.45 -29.94
CA ASP A 490 -0.07 9.20 -31.08
C ASP A 490 0.06 8.39 -32.37
N LYS A 491 -0.28 7.11 -32.30
CA LYS A 491 -0.21 6.18 -33.42
C LYS A 491 1.21 6.05 -33.99
N LYS A 492 2.23 6.25 -33.15
CA LYS A 492 3.62 6.13 -33.55
C LYS A 492 4.28 5.02 -32.75
N LYS A 493 4.94 4.10 -33.43
CA LYS A 493 5.57 2.97 -32.76
C LYS A 493 6.74 3.44 -31.90
N LEU A 494 6.84 2.87 -30.71
CA LEU A 494 7.92 3.18 -29.77
C LEU A 494 9.08 2.22 -30.01
N ILE A 495 10.20 2.74 -30.49
CA ILE A 495 11.38 1.94 -30.79
C ILE A 495 12.59 2.58 -30.12
N SER A 496 13.45 1.74 -29.57
CA SER A 496 14.67 2.20 -28.91
C SER A 496 15.84 2.20 -29.89
N VAL A 497 16.77 3.12 -29.67
CA VAL A 497 17.93 3.24 -30.55
C VAL A 497 18.81 2.00 -30.48
N GLU A 498 18.92 1.41 -29.28
CA GLU A 498 19.79 0.24 -29.10
C GLU A 498 19.32 -0.97 -29.89
N THR A 499 18.06 -0.99 -30.33
CA THR A 499 17.51 -2.10 -31.10
C THR A 499 17.63 -1.90 -32.61
N ASP A 500 18.29 -0.82 -33.05
CA ASP A 500 18.47 -0.54 -34.46
C ASP A 500 19.87 -0.87 -34.96
N ILE A 501 20.90 -0.45 -34.22
CA ILE A 501 22.29 -0.68 -34.59
C ILE A 501 22.59 -0.16 -35.99
N GLU A 519 49.15 24.34 -27.99
CA GLU A 519 47.69 24.30 -27.87
C GLU A 519 47.17 22.88 -28.06
N CYS A 520 47.93 22.05 -28.77
CA CYS A 520 47.56 20.68 -29.02
C CYS A 520 48.80 19.84 -29.22
N LEU A 521 48.74 18.59 -28.76
CA LEU A 521 49.88 17.69 -28.90
C LEU A 521 50.07 17.28 -30.35
N SER A 522 51.31 17.02 -30.72
CA SER A 522 51.62 16.55 -32.06
C SER A 522 51.07 15.15 -32.27
N GLU A 523 50.77 14.83 -33.54
CA GLU A 523 50.20 13.53 -33.86
C GLU A 523 51.16 12.39 -33.52
N LYS A 524 52.45 12.57 -33.81
CA LYS A 524 53.43 11.52 -33.54
C LYS A 524 53.53 11.23 -32.04
N GLU A 525 53.54 12.28 -31.21
CA GLU A 525 53.67 12.08 -29.78
C GLU A 525 52.45 11.37 -29.21
N THR A 526 51.26 11.70 -29.71
CA THR A 526 50.03 11.13 -29.17
C THR A 526 49.85 9.67 -29.56
N GLU A 527 50.49 9.21 -30.63
CA GLU A 527 50.30 7.84 -31.09
C GLU A 527 50.77 6.83 -30.05
N GLU A 528 51.99 6.99 -29.54
CA GLU A 528 52.49 6.06 -28.55
C GLU A 528 51.99 6.36 -27.14
N LEU A 529 51.35 7.51 -26.93
CA LEU A 529 50.77 7.81 -25.62
C LEU A 529 49.67 6.81 -25.28
N MET A 530 48.81 6.49 -26.26
CA MET A 530 47.77 5.49 -26.04
C MET A 530 48.35 4.09 -25.92
N ALA A 531 49.41 3.80 -26.67
CA ALA A 531 49.98 2.45 -26.66
C ALA A 531 50.40 2.04 -25.26
N TRP A 532 51.02 2.96 -24.51
CA TRP A 532 51.33 2.69 -23.12
C TRP A 532 50.08 2.76 -22.25
N MET A 533 49.08 3.54 -22.65
CA MET A 533 47.86 3.64 -21.87
C MET A 533 47.08 2.33 -21.86
N ARG A 534 47.02 1.63 -23.00
CA ARG A 534 46.36 0.34 -23.04
C ARG A 534 47.12 -0.76 -22.30
N ASN A 535 48.36 -0.48 -21.87
CA ASN A 535 49.09 -1.46 -21.06
C ASN A 535 48.66 -1.37 -19.60
N VAL A 536 48.65 -0.15 -19.04
CA VAL A 536 48.26 0.01 -17.65
C VAL A 536 46.77 -0.23 -17.47
N LEU A 537 45.95 0.20 -18.43
CA LEU A 537 44.51 0.08 -18.36
C LEU A 537 43.97 -0.96 -19.34
N GLY A 538 44.70 -2.06 -19.53
CA GLY A 538 44.25 -3.10 -20.44
C GLY A 538 42.96 -3.76 -19.98
N SER A 539 42.85 -4.06 -18.69
CA SER A 539 41.65 -4.70 -18.17
C SER A 539 40.48 -3.71 -18.15
N ARG A 540 40.74 -2.46 -17.79
CA ARG A 540 39.65 -1.48 -17.66
C ARG A 540 39.27 -0.87 -19.00
N VAL A 541 40.21 -0.19 -19.65
CA VAL A 541 39.94 0.56 -20.87
C VAL A 541 40.16 -0.34 -22.08
N THR A 542 39.14 -0.46 -22.93
CA THR A 542 39.28 -1.24 -24.16
C THR A 542 40.22 -0.56 -25.13
N ASN A 543 40.03 0.73 -25.38
CA ASN A 543 40.86 1.48 -26.31
C ASN A 543 40.74 2.96 -26.00
N VAL A 544 41.72 3.73 -26.49
CA VAL A 544 41.77 5.17 -26.30
C VAL A 544 41.88 5.83 -27.67
N LYS A 545 41.06 6.86 -27.89
CA LYS A 545 41.07 7.56 -29.17
C LYS A 545 41.29 9.06 -28.98
N VAL A 546 41.13 9.83 -30.06
CA VAL A 546 41.39 11.27 -30.06
C VAL A 546 40.06 12.01 -29.99
N THR A 547 39.96 12.96 -29.07
CA THR A 547 38.75 13.74 -28.86
C THR A 547 39.06 15.22 -29.00
N LEU A 548 38.23 15.94 -29.76
CA LEU A 548 38.40 17.37 -29.96
C LEU A 548 37.23 18.17 -29.38
N ARG A 549 36.49 17.61 -28.43
CA ARG A 549 35.32 18.27 -27.86
C ARG A 549 35.42 18.32 -26.34
N LEU A 550 36.58 18.75 -25.83
CA LEU A 550 36.82 18.90 -24.39
C LEU A 550 37.35 20.29 -24.13
N ASP A 551 36.49 21.17 -23.59
CA ASP A 551 36.92 22.53 -23.29
C ASP A 551 37.88 22.57 -22.11
N THR A 552 37.54 21.88 -21.02
CA THR A 552 38.37 21.88 -19.83
C THR A 552 38.48 20.54 -19.14
N HIS A 553 37.86 19.48 -19.66
CA HIS A 553 37.96 18.17 -19.06
C HIS A 553 39.07 17.38 -19.74
N PRO A 554 40.08 16.92 -18.99
CA PRO A 554 41.17 16.16 -19.64
C PRO A 554 40.70 14.88 -20.31
N ALA A 555 39.63 14.25 -19.83
CA ALA A 555 39.19 12.99 -20.40
C ALA A 555 37.72 12.77 -20.10
N MET A 556 37.13 11.84 -20.84
CA MET A 556 35.80 11.31 -20.53
C MET A 556 35.82 9.82 -20.77
N VAL A 557 34.95 9.11 -20.08
CA VAL A 557 34.72 7.69 -20.36
C VAL A 557 33.41 7.55 -21.11
N THR A 558 33.39 6.64 -22.07
CA THR A 558 32.22 6.40 -22.90
C THR A 558 31.95 4.91 -22.95
N VAL A 559 30.66 4.56 -23.04
CA VAL A 559 30.24 3.16 -23.03
C VAL A 559 29.43 2.86 -24.29
N LEU A 560 29.52 1.62 -24.74
CA LEU A 560 28.75 1.13 -25.87
C LEU A 560 27.61 0.21 -25.44
N GLU A 561 27.43 0.02 -24.14
CA GLU A 561 26.50 -0.96 -23.58
C GLU A 561 25.63 -0.32 -22.51
N MET A 562 24.98 0.80 -22.86
CA MET A 562 24.09 1.51 -21.95
C MET A 562 23.11 0.58 -21.23
N GLY A 563 22.73 -0.52 -21.88
CA GLY A 563 21.96 -1.54 -21.19
C GLY A 563 22.72 -2.14 -20.02
N ALA A 564 24.00 -2.43 -20.22
CA ALA A 564 24.86 -2.91 -19.14
C ALA A 564 25.46 -1.78 -18.31
N ALA A 565 25.34 -0.53 -18.75
CA ALA A 565 25.79 0.59 -17.93
C ALA A 565 24.97 0.70 -16.65
N ARG A 566 23.65 0.49 -16.75
CA ARG A 566 22.82 0.45 -15.55
C ARG A 566 23.20 -0.71 -14.66
N HIS A 567 23.67 -1.82 -15.25
CA HIS A 567 24.21 -2.92 -14.46
C HIS A 567 25.44 -2.47 -13.69
N PHE A 568 26.31 -1.67 -14.32
CA PHE A 568 27.45 -1.10 -13.63
C PHE A 568 27.01 -0.19 -12.48
N LEU A 569 25.97 0.61 -12.72
CA LEU A 569 25.45 1.48 -11.66
C LEU A 569 24.77 0.66 -10.57
N ARG A 570 24.08 -0.41 -10.94
CA ARG A 570 23.36 -1.22 -9.96
C ARG A 570 24.29 -2.07 -9.10
N MET A 571 25.54 -2.28 -9.55
CA MET A 571 26.50 -3.05 -8.76
C MET A 571 27.23 -2.19 -7.73
N GLN A 572 26.87 -0.91 -7.60
CA GLN A 572 27.47 -0.05 -6.58
C GLN A 572 27.02 -0.41 -5.17
N GLN A 573 26.06 -1.32 -5.02
CA GLN A 573 25.65 -1.80 -3.71
C GLN A 573 26.11 -3.22 -3.42
N LEU A 574 26.35 -4.05 -4.44
CA LEU A 574 26.75 -5.43 -4.26
C LEU A 574 27.93 -5.74 -5.16
N ALA A 575 29.04 -6.16 -4.57
CA ALA A 575 30.20 -6.70 -5.29
C ALA A 575 30.72 -5.72 -6.34
N LYS A 576 31.22 -4.58 -5.86
CA LYS A 576 31.82 -3.56 -6.73
C LYS A 576 33.34 -3.57 -6.63
N THR A 577 33.95 -4.75 -6.52
CA THR A 577 35.41 -4.83 -6.43
C THR A 577 36.04 -4.32 -7.73
N GLN A 578 37.20 -3.68 -7.59
CA GLN A 578 37.86 -3.08 -8.74
C GLN A 578 38.26 -4.13 -9.77
N GLU A 579 38.72 -5.29 -9.30
CA GLU A 579 39.19 -6.35 -10.19
C GLU A 579 38.07 -7.02 -10.97
N GLU A 580 36.81 -6.75 -10.63
CA GLU A 580 35.67 -7.38 -11.30
C GLU A 580 34.90 -6.43 -12.20
N ARG A 581 34.75 -5.16 -11.80
CA ARG A 581 33.96 -4.22 -12.58
C ARG A 581 34.55 -3.95 -13.96
N ALA A 582 35.86 -4.12 -14.13
CA ALA A 582 36.49 -3.83 -15.41
C ALA A 582 35.99 -4.77 -16.50
N GLN A 583 35.86 -6.07 -16.20
CA GLN A 583 35.48 -7.04 -17.21
C GLN A 583 34.00 -6.98 -17.55
N LEU A 584 33.14 -6.72 -16.55
CA LEU A 584 31.70 -6.74 -16.79
C LEU A 584 31.26 -5.57 -17.65
N LEU A 585 31.93 -4.42 -17.55
CA LEU A 585 31.58 -3.23 -18.32
C LEU A 585 32.47 -3.02 -19.53
N GLN A 586 33.79 -3.02 -19.32
CA GLN A 586 34.79 -2.79 -20.37
C GLN A 586 34.51 -1.49 -21.12
N PRO A 587 34.64 -0.34 -20.50
CA PRO A 587 34.41 0.93 -21.19
C PRO A 587 35.66 1.38 -21.94
N THR A 588 35.49 2.42 -22.75
CA THR A 588 36.58 3.04 -23.49
C THR A 588 36.79 4.46 -23.00
N LEU A 589 38.06 4.87 -22.89
CA LEU A 589 38.43 6.17 -22.36
C LEU A 589 38.87 7.07 -23.51
N GLU A 590 38.34 8.28 -23.55
CA GLU A 590 38.69 9.28 -24.56
C GLU A 590 39.37 10.46 -23.90
N ILE A 591 40.47 10.91 -24.52
CA ILE A 591 41.27 12.02 -23.99
C ILE A 591 41.45 13.05 -25.09
N ASN A 592 41.77 14.28 -24.68
CA ASN A 592 42.04 15.36 -25.62
C ASN A 592 43.47 15.83 -25.48
N PRO A 593 44.20 16.01 -26.59
CA PRO A 593 45.58 16.50 -26.50
C PRO A 593 45.68 17.97 -26.11
N ARG A 594 44.56 18.67 -25.96
CA ARG A 594 44.58 20.10 -25.68
C ARG A 594 44.57 20.42 -24.19
N HIS A 595 44.57 19.42 -23.32
CA HIS A 595 44.54 19.65 -21.88
C HIS A 595 45.94 19.51 -21.29
N ALA A 596 46.14 20.19 -20.16
CA ALA A 596 47.46 20.19 -19.52
C ALA A 596 47.84 18.80 -19.01
N LEU A 597 46.88 18.08 -18.42
CA LEU A 597 47.19 16.77 -17.85
C LEU A 597 47.64 15.79 -18.93
N ILE A 598 46.97 15.78 -20.08
CA ILE A 598 47.37 14.90 -21.17
C ILE A 598 48.75 15.30 -21.69
N LYS A 599 48.97 16.61 -21.85
CA LYS A 599 50.28 17.09 -22.31
C LYS A 599 51.37 16.78 -21.29
N LYS A 600 51.06 16.91 -20.00
CA LYS A 600 52.05 16.70 -18.96
C LYS A 600 52.47 15.23 -18.87
N LEU A 601 51.62 14.31 -19.31
CA LEU A 601 51.92 12.89 -19.22
C LEU A 601 53.07 12.46 -20.13
N ASN A 602 53.45 13.28 -21.10
CA ASN A 602 54.54 12.91 -22.00
C ASN A 602 55.87 12.84 -21.25
N GLN A 603 56.20 13.89 -20.51
CA GLN A 603 57.47 13.90 -19.78
C GLN A 603 57.42 12.96 -18.57
N LEU A 604 56.27 12.87 -17.90
CA LEU A 604 56.15 12.01 -16.75
C LEU A 604 56.21 10.53 -17.10
N ARG A 605 56.02 10.19 -18.38
CA ARG A 605 56.07 8.79 -18.79
C ARG A 605 57.47 8.21 -18.59
N ALA A 606 58.50 9.00 -18.90
CA ALA A 606 59.89 8.56 -18.78
C ALA A 606 60.62 9.13 -17.59
N SER A 607 60.38 10.40 -17.25
CA SER A 607 61.10 11.01 -16.14
C SER A 607 60.72 10.37 -14.80
N GLU A 608 59.42 10.17 -14.57
CA GLU A 608 58.91 9.57 -13.34
C GLU A 608 57.97 8.43 -13.70
N PRO A 609 58.52 7.26 -14.07
CA PRO A 609 57.64 6.13 -14.43
C PRO A 609 56.71 5.71 -13.30
N GLY A 610 57.16 5.78 -12.06
CA GLY A 610 56.30 5.38 -10.95
C GLY A 610 55.08 6.27 -10.80
N LEU A 611 55.27 7.59 -10.94
CA LEU A 611 54.15 8.51 -10.85
C LEU A 611 53.25 8.45 -12.08
N ALA A 612 53.78 8.03 -13.23
CA ALA A 612 52.97 8.00 -14.45
C ALA A 612 51.82 7.01 -14.33
N GLN A 613 52.10 5.82 -13.79
CA GLN A 613 51.05 4.81 -13.66
C GLN A 613 49.96 5.26 -12.71
N LEU A 614 50.33 5.88 -11.60
CA LEU A 614 49.35 6.29 -10.60
C LEU A 614 48.48 7.43 -11.12
N LEU A 615 49.08 8.38 -11.84
CA LEU A 615 48.32 9.52 -12.36
C LEU A 615 47.28 9.07 -13.39
N VAL A 616 47.66 8.14 -14.27
CA VAL A 616 46.72 7.65 -15.27
C VAL A 616 45.57 6.91 -14.60
N ASP A 617 45.88 6.15 -13.54
CA ASP A 617 44.80 5.51 -12.77
C ASP A 617 43.91 6.56 -12.12
N GLN A 618 44.48 7.70 -11.73
CA GLN A 618 43.68 8.76 -11.12
C GLN A 618 42.79 9.45 -12.15
N ILE A 619 43.34 9.78 -13.33
CA ILE A 619 42.57 10.47 -14.34
C ILE A 619 41.47 9.59 -14.92
N TYR A 620 41.68 8.28 -14.97
CA TYR A 620 40.63 7.38 -15.44
C TYR A 620 39.44 7.38 -14.48
N GLU A 621 39.71 7.40 -13.17
CA GLU A 621 38.62 7.45 -12.19
C GLU A 621 37.86 8.76 -12.29
N ASN A 622 38.57 9.86 -12.56
CA ASN A 622 37.90 11.15 -12.67
C ASN A 622 36.91 11.18 -13.83
N ALA A 623 37.25 10.52 -14.93
CA ALA A 623 36.33 10.44 -16.06
C ALA A 623 35.05 9.69 -15.68
N MET A 624 35.18 8.61 -14.92
CA MET A 624 34.00 7.87 -14.48
C MET A 624 33.13 8.72 -13.55
N ILE A 625 33.76 9.47 -12.64
CA ILE A 625 32.99 10.34 -11.75
C ILE A 625 32.28 11.42 -12.53
N ALA A 626 32.97 12.03 -13.50
CA ALA A 626 32.35 13.05 -14.33
C ALA A 626 31.21 12.49 -15.17
N ALA A 627 31.38 11.27 -15.69
CA ALA A 627 30.35 10.63 -16.50
C ALA A 627 29.23 10.04 -15.66
N GLY A 628 29.38 9.98 -14.33
CA GLY A 628 28.34 9.45 -13.48
C GLY A 628 28.26 7.95 -13.40
N LEU A 629 29.27 7.24 -13.92
CA LEU A 629 29.23 5.77 -13.87
C LEU A 629 29.35 5.25 -12.45
N VAL A 630 29.98 6.02 -11.56
CA VAL A 630 30.13 5.65 -10.15
C VAL A 630 29.25 6.56 -9.31
N ASP A 631 28.44 5.97 -8.44
CA ASP A 631 27.55 6.75 -7.59
C ASP A 631 28.34 7.65 -6.64
N ASP A 632 29.39 7.10 -6.02
CA ASP A 632 30.22 7.86 -5.10
C ASP A 632 31.69 7.58 -5.38
N PRO A 633 32.56 8.59 -5.26
CA PRO A 633 34.00 8.40 -5.49
C PRO A 633 34.74 7.96 -4.23
N ARG A 634 34.20 6.94 -3.55
CA ARG A 634 34.82 6.47 -2.31
C ARG A 634 36.07 5.65 -2.58
N ALA A 635 36.08 4.85 -3.65
CA ALA A 635 37.22 4.00 -3.94
C ALA A 635 38.45 4.81 -4.31
N MET A 636 38.27 5.89 -5.08
CA MET A 636 39.40 6.68 -5.55
C MET A 636 40.08 7.50 -4.45
N VAL A 637 39.47 7.57 -3.26
CA VAL A 637 40.07 8.34 -2.17
C VAL A 637 41.40 7.72 -1.73
N GLY A 638 41.47 6.40 -1.72
CA GLY A 638 42.68 5.73 -1.26
C GLY A 638 43.90 6.04 -2.12
N ARG A 639 43.72 6.02 -3.44
CA ARG A 639 44.82 6.32 -4.35
C ARG A 639 45.05 7.81 -4.55
N LEU A 640 44.01 8.63 -4.41
CA LEU A 640 44.19 10.08 -4.54
C LEU A 640 45.04 10.62 -3.40
N ASN A 641 44.83 10.13 -2.18
CA ASN A 641 45.63 10.58 -1.05
C ASN A 641 47.10 10.23 -1.22
N GLU A 642 47.38 9.02 -1.72
CA GLU A 642 48.76 8.60 -1.95
C GLU A 642 49.36 9.22 -3.20
N LEU A 643 48.57 9.93 -4.00
CA LEU A 643 49.08 10.60 -5.19
C LEU A 643 49.57 12.01 -4.88
N LEU A 644 48.85 12.76 -4.05
CA LEU A 644 49.22 14.13 -3.76
C LEU A 644 50.47 14.24 -2.89
N VAL A 645 50.79 13.21 -2.11
CA VAL A 645 51.96 13.25 -1.26
C VAL A 645 53.24 13.32 -2.09
N LYS A 646 53.31 12.51 -3.16
CA LYS A 646 54.47 12.51 -4.03
C LYS A 646 54.36 13.50 -5.19
N ALA A 647 53.21 14.13 -5.36
CA ALA A 647 53.05 15.14 -6.41
C ALA A 647 53.69 16.47 -6.03
N LEU A 648 53.90 16.73 -4.74
CA LEU A 648 54.49 17.97 -4.26
C LEU A 648 55.77 17.69 -3.47
N GLU A 649 56.55 16.69 -3.88
CA GLU A 649 57.76 16.33 -3.15
C GLU A 649 58.79 17.46 -3.19
N ARG A 650 58.89 18.14 -4.33
CA ARG A 650 59.85 19.23 -4.47
C ARG A 650 59.37 20.53 -3.83
N HIS A 651 58.09 20.64 -3.50
CA HIS A 651 57.53 21.87 -2.93
C HIS A 651 57.88 21.98 -1.45
N PRO B 17 -17.78 29.25 26.64
CA PRO B 17 -19.22 29.08 26.35
C PRO B 17 -19.62 27.62 26.29
N LEU B 18 -19.55 26.93 27.44
CA LEU B 18 -19.90 25.51 27.52
C LEU B 18 -21.36 25.41 27.94
N HIS B 19 -22.23 25.09 26.98
CA HIS B 19 -23.65 24.93 27.22
C HIS B 19 -24.11 23.58 26.70
N SER B 20 -24.96 22.91 27.50
CA SER B 20 -25.49 21.60 27.13
C SER B 20 -26.96 21.54 27.51
N ILE B 21 -27.70 20.68 26.81
CA ILE B 21 -29.12 20.49 27.06
C ILE B 21 -29.41 19.11 27.64
N ILE B 22 -28.37 18.37 28.02
CA ILE B 22 -28.56 17.05 28.61
C ILE B 22 -29.01 17.20 30.06
N SER B 23 -30.10 16.53 30.41
CA SER B 23 -30.65 16.59 31.76
C SER B 23 -31.32 15.26 32.06
N SER B 24 -31.99 15.18 33.21
CA SER B 24 -32.69 13.98 33.64
C SER B 24 -34.11 14.29 34.09
N THR B 25 -34.74 15.30 33.48
CA THR B 25 -36.11 15.65 33.82
C THR B 25 -37.10 14.60 33.32
N GLU B 26 -36.70 13.78 32.36
CA GLU B 26 -37.58 12.75 31.84
C GLU B 26 -37.86 11.67 32.89
N SER B 27 -39.09 11.16 32.90
CA SER B 27 -39.48 10.13 33.84
C SER B 27 -40.61 9.31 33.24
N VAL B 28 -40.74 8.07 33.72
CA VAL B 28 -41.80 7.18 33.24
C VAL B 28 -43.14 7.61 33.82
N GLN B 29 -44.16 7.64 32.96
CA GLN B 29 -45.50 8.05 33.34
C GLN B 29 -46.51 6.92 33.27
N GLY B 30 -46.63 6.27 32.12
CA GLY B 30 -47.59 5.20 31.91
C GLY B 30 -47.03 3.84 32.24
N SER B 31 -47.72 2.81 31.73
CA SER B 31 -47.34 1.43 31.93
C SER B 31 -46.81 0.82 30.64
N THR B 32 -45.89 -0.12 30.78
CA THR B 32 -45.30 -0.76 29.61
C THR B 32 -46.33 -1.61 28.87
N SER B 33 -46.15 -1.72 27.55
CA SER B 33 -47.04 -2.46 26.69
C SER B 33 -46.26 -3.55 25.96
N LYS B 34 -46.87 -4.74 25.86
CA LYS B 34 -46.21 -5.86 25.21
C LYS B 34 -46.04 -5.58 23.72
N HIS B 35 -44.82 -5.81 23.22
CA HIS B 35 -44.53 -5.61 21.80
C HIS B 35 -43.39 -6.51 21.39
N GLU B 36 -43.32 -6.81 20.10
CA GLU B 36 -42.27 -7.64 19.52
C GLU B 36 -41.71 -6.98 18.28
N PHE B 37 -40.43 -7.19 18.04
CA PHE B 37 -39.78 -6.62 16.87
C PHE B 37 -40.31 -7.25 15.59
N GLN B 38 -40.46 -6.42 14.55
CA GLN B 38 -40.95 -6.85 13.25
C GLN B 38 -39.87 -6.61 12.20
N ALA B 39 -40.19 -6.97 10.95
CA ALA B 39 -39.26 -6.81 9.85
C ALA B 39 -40.03 -6.60 8.55
N GLU B 40 -39.45 -5.79 7.66
CA GLU B 40 -40.05 -5.52 6.36
C GLU B 40 -39.46 -6.48 5.33
N THR B 41 -40.32 -7.29 4.71
CA THR B 41 -39.85 -8.29 3.77
C THR B 41 -39.33 -7.66 2.49
N LYS B 42 -40.12 -6.75 1.89
CA LYS B 42 -39.72 -6.15 0.62
C LYS B 42 -38.43 -5.36 0.77
N LYS B 43 -38.32 -4.56 1.84
CA LYS B 43 -37.11 -3.78 2.05
C LYS B 43 -35.91 -4.68 2.29
N LEU B 44 -36.10 -5.77 3.04
CA LEU B 44 -35.00 -6.69 3.29
C LEU B 44 -34.50 -7.33 1.99
N LEU B 45 -35.43 -7.80 1.15
CA LEU B 45 -35.04 -8.39 -0.12
C LEU B 45 -34.36 -7.36 -1.02
N ASP B 46 -34.88 -6.13 -1.06
CA ASP B 46 -34.27 -5.09 -1.87
C ASP B 46 -32.85 -4.78 -1.39
N ILE B 47 -32.65 -4.71 -0.08
CA ILE B 47 -31.33 -4.43 0.47
C ILE B 47 -30.37 -5.57 0.15
N VAL B 48 -30.83 -6.81 0.30
CA VAL B 48 -29.97 -7.96 0.03
C VAL B 48 -29.58 -7.99 -1.45
N ALA B 49 -30.54 -7.75 -2.34
CA ALA B 49 -30.29 -7.84 -3.78
C ALA B 49 -29.67 -6.59 -4.36
N ARG B 50 -29.55 -5.50 -3.60
CA ARG B 50 -29.03 -4.26 -4.16
C ARG B 50 -27.85 -3.69 -3.38
N SER B 51 -27.89 -3.82 -2.04
CA SER B 51 -26.90 -3.16 -1.20
C SER B 51 -26.38 -4.09 -0.12
N LEU B 52 -26.08 -5.33 -0.49
CA LEU B 52 -25.47 -6.28 0.44
C LEU B 52 -24.10 -6.75 -0.01
N TYR B 53 -23.96 -7.21 -1.25
CA TYR B 53 -22.70 -7.71 -1.77
C TYR B 53 -22.14 -6.72 -2.78
N SER B 54 -20.86 -6.38 -2.63
CA SER B 54 -20.22 -5.46 -3.57
C SER B 54 -20.15 -6.06 -4.96
N GLU B 55 -19.86 -7.36 -5.05
CA GLU B 55 -19.73 -8.06 -6.32
C GLU B 55 -21.00 -8.84 -6.60
N LYS B 56 -21.59 -8.62 -7.78
CA LYS B 56 -22.76 -9.37 -8.19
C LYS B 56 -22.42 -10.81 -8.60
N GLU B 57 -21.14 -11.13 -8.71
CA GLU B 57 -20.69 -12.46 -9.12
C GLU B 57 -20.64 -13.46 -7.98
N VAL B 58 -20.91 -13.04 -6.74
CA VAL B 58 -20.77 -13.92 -5.58
C VAL B 58 -21.99 -14.79 -5.33
N PHE B 59 -23.06 -14.62 -6.11
CA PHE B 59 -24.25 -15.43 -5.89
C PHE B 59 -24.01 -16.89 -6.22
N ILE B 60 -23.27 -17.17 -7.31
CA ILE B 60 -22.93 -18.55 -7.61
C ILE B 60 -22.00 -19.12 -6.55
N ARG B 61 -21.10 -18.32 -6.00
CA ARG B 61 -20.25 -18.79 -4.92
C ARG B 61 -21.07 -19.15 -3.68
N GLU B 62 -22.05 -18.30 -3.34
CA GLU B 62 -22.92 -18.59 -2.21
C GLU B 62 -23.72 -19.86 -2.44
N LEU B 63 -24.25 -20.04 -3.65
CA LEU B 63 -25.02 -21.24 -3.94
C LEU B 63 -24.15 -22.49 -3.95
N ILE B 64 -22.91 -22.37 -4.42
CA ILE B 64 -21.98 -23.50 -4.35
C ILE B 64 -21.66 -23.86 -2.91
N SER B 65 -21.48 -22.85 -2.05
CA SER B 65 -21.27 -23.10 -0.64
C SER B 65 -22.48 -23.79 -0.01
N ASN B 66 -23.68 -23.36 -0.38
CA ASN B 66 -24.89 -24.00 0.12
C ASN B 66 -24.97 -25.46 -0.34
N ALA B 67 -24.62 -25.72 -1.60
CA ALA B 67 -24.61 -27.09 -2.10
C ALA B 67 -23.59 -27.94 -1.36
N SER B 68 -22.41 -27.38 -1.09
CA SER B 68 -21.40 -28.11 -0.33
C SER B 68 -21.88 -28.42 1.08
N ASP B 69 -22.55 -27.45 1.72
CA ASP B 69 -23.10 -27.69 3.05
C ASP B 69 -24.15 -28.79 3.02
N ALA B 70 -25.01 -28.79 2.00
CA ALA B 70 -26.02 -29.84 1.87
C ALA B 70 -25.37 -31.20 1.66
N LEU B 71 -24.32 -31.26 0.85
CA LEU B 71 -23.63 -32.52 0.62
C LEU B 71 -22.96 -33.01 1.91
N GLU B 72 -22.38 -32.09 2.69
CA GLU B 72 -21.80 -32.47 3.97
C GLU B 72 -22.87 -33.00 4.93
N LYS B 73 -24.04 -32.37 4.95
CA LYS B 73 -25.13 -32.85 5.78
C LYS B 73 -25.55 -34.25 5.37
N LEU B 74 -25.68 -34.48 4.05
CA LEU B 74 -26.05 -35.81 3.56
C LEU B 74 -24.99 -36.85 3.92
N ARG B 75 -23.70 -36.49 3.79
CA ARG B 75 -22.62 -37.40 4.14
C ARG B 75 -22.67 -37.76 5.62
N HIS B 76 -22.86 -36.76 6.48
CA HIS B 76 -22.93 -37.04 7.91
C HIS B 76 -24.14 -37.90 8.24
N LYS B 77 -25.29 -37.62 7.61
CA LYS B 77 -26.49 -38.40 7.87
C LYS B 77 -26.32 -39.85 7.45
N LEU B 78 -25.68 -40.09 6.30
CA LEU B 78 -25.53 -41.46 5.82
C LEU B 78 -24.31 -42.18 6.36
N VAL B 79 -23.43 -41.49 7.10
CA VAL B 79 -22.40 -42.19 7.87
C VAL B 79 -22.81 -42.37 9.33
N SER B 80 -23.81 -41.63 9.81
CA SER B 80 -24.29 -41.83 11.17
C SER B 80 -24.88 -43.22 11.35
N ASP B 81 -25.66 -43.68 10.37
CA ASP B 81 -26.25 -45.02 10.42
C ASP B 81 -25.29 -46.10 9.93
N GLY B 82 -24.13 -45.73 9.39
CA GLY B 82 -23.15 -46.70 8.96
C GLY B 82 -23.56 -47.55 7.78
N GLN B 83 -24.17 -46.96 6.76
CA GLN B 83 -24.56 -47.65 5.55
C GLN B 83 -23.74 -47.14 4.37
N ALA B 84 -24.07 -47.61 3.18
CA ALA B 84 -23.30 -47.26 1.99
C ALA B 84 -23.38 -45.76 1.71
N LEU B 85 -22.25 -45.18 1.34
CA LEU B 85 -22.16 -43.76 1.04
C LEU B 85 -22.39 -43.53 -0.44
N PRO B 86 -23.33 -42.67 -0.83
CA PRO B 86 -23.54 -42.40 -2.25
C PRO B 86 -22.48 -41.45 -2.80
N GLU B 87 -22.47 -41.33 -4.12
CA GLU B 87 -21.50 -40.49 -4.79
C GLU B 87 -21.81 -39.01 -4.53
N MET B 88 -20.74 -38.22 -4.47
CA MET B 88 -20.84 -36.78 -4.22
C MET B 88 -20.50 -36.05 -5.52
N GLU B 89 -21.40 -35.17 -5.96
CA GLU B 89 -21.24 -34.50 -7.24
C GLU B 89 -22.07 -33.22 -7.26
N ILE B 90 -21.49 -32.16 -7.84
CA ILE B 90 -22.12 -30.85 -7.93
C ILE B 90 -21.98 -30.36 -9.37
N HIS B 91 -23.07 -29.85 -9.93
CA HIS B 91 -23.12 -29.40 -11.32
C HIS B 91 -23.38 -27.90 -11.39
N LEU B 92 -22.63 -27.22 -12.25
CA LEU B 92 -22.88 -25.83 -12.63
C LEU B 92 -23.18 -25.83 -14.12
N GLN B 93 -24.45 -25.63 -14.48
CA GLN B 93 -24.90 -25.67 -15.87
C GLN B 93 -25.39 -24.29 -16.27
N THR B 94 -24.98 -23.84 -17.46
CA THR B 94 -25.37 -22.54 -17.97
C THR B 94 -25.88 -22.69 -19.40
N ASN B 95 -26.97 -21.98 -19.71
CA ASN B 95 -27.55 -21.97 -21.04
C ASN B 95 -27.44 -20.57 -21.61
N ALA B 96 -26.59 -20.41 -22.64
CA ALA B 96 -26.37 -19.10 -23.22
C ALA B 96 -27.59 -18.61 -24.00
N GLU B 97 -28.20 -19.49 -24.79
CA GLU B 97 -29.35 -19.08 -25.59
C GLU B 97 -30.55 -18.74 -24.72
N LYS B 98 -30.76 -19.50 -23.64
CA LYS B 98 -31.88 -19.25 -22.74
C LYS B 98 -31.57 -18.17 -21.71
N GLY B 99 -30.31 -17.80 -21.55
CA GLY B 99 -29.95 -16.82 -20.54
C GLY B 99 -30.24 -17.27 -19.12
N THR B 100 -29.96 -18.54 -18.83
CA THR B 100 -30.22 -19.11 -17.51
C THR B 100 -29.03 -19.95 -17.08
N ILE B 101 -28.89 -20.10 -15.77
CA ILE B 101 -27.83 -20.91 -15.17
C ILE B 101 -28.47 -21.92 -14.23
N THR B 102 -28.09 -23.19 -14.36
CA THR B 102 -28.65 -24.27 -13.57
C THR B 102 -27.61 -24.75 -12.56
N ILE B 103 -28.03 -24.87 -11.30
CA ILE B 103 -27.17 -25.35 -10.23
C ILE B 103 -27.86 -26.55 -9.60
N GLN B 104 -27.26 -27.73 -9.74
CA GLN B 104 -27.80 -28.97 -9.22
C GLN B 104 -26.76 -29.66 -8.35
N ASP B 105 -27.22 -30.18 -7.21
CA ASP B 105 -26.36 -30.90 -6.28
C ASP B 105 -27.07 -32.16 -5.82
N THR B 106 -26.38 -32.95 -5.00
CA THR B 106 -26.94 -34.19 -4.48
C THR B 106 -26.95 -34.10 -2.96
N GLY B 107 -27.44 -32.98 -2.44
CA GLY B 107 -27.47 -32.75 -1.01
C GLY B 107 -28.63 -33.46 -0.34
N ILE B 108 -28.84 -33.10 0.93
CA ILE B 108 -29.88 -33.74 1.73
C ILE B 108 -31.24 -33.53 1.10
N GLY B 109 -31.51 -32.32 0.62
CA GLY B 109 -32.80 -31.98 0.07
C GLY B 109 -33.75 -31.44 1.12
N MET B 110 -34.79 -30.75 0.64
CA MET B 110 -35.73 -30.05 1.51
C MET B 110 -37.15 -30.44 1.16
N THR B 111 -37.93 -30.77 2.18
CA THR B 111 -39.36 -31.00 2.01
C THR B 111 -40.10 -29.67 2.00
N GLN B 112 -41.43 -29.74 1.94
CA GLN B 112 -42.23 -28.51 1.94
C GLN B 112 -42.05 -27.74 3.24
N GLU B 113 -42.08 -28.44 4.38
CA GLU B 113 -41.90 -27.76 5.66
C GLU B 113 -40.50 -27.16 5.78
N GLU B 114 -39.48 -27.92 5.37
CA GLU B 114 -38.13 -27.39 5.41
C GLU B 114 -37.96 -26.22 4.45
N LEU B 115 -38.59 -26.31 3.28
CA LEU B 115 -38.51 -25.21 2.32
C LEU B 115 -39.14 -23.93 2.87
N VAL B 116 -40.32 -24.04 3.47
CA VAL B 116 -40.97 -22.84 3.99
C VAL B 116 -40.24 -22.32 5.22
N SER B 117 -39.64 -23.21 6.01
CA SER B 117 -38.94 -22.77 7.21
C SER B 117 -37.63 -22.07 6.86
N ASN B 118 -36.89 -22.59 5.87
CA ASN B 118 -35.59 -22.04 5.52
C ASN B 118 -35.68 -21.02 4.38
N LEU B 119 -36.19 -21.45 3.22
CA LEU B 119 -36.28 -20.55 2.07
C LEU B 119 -37.30 -19.44 2.31
N GLY B 120 -38.44 -19.78 2.92
CA GLY B 120 -39.49 -18.80 3.14
C GLY B 120 -39.25 -17.82 4.26
N THR B 121 -38.29 -18.09 5.14
CA THR B 121 -37.97 -17.23 6.27
C THR B 121 -36.58 -16.65 6.09
N ILE B 122 -36.46 -15.33 6.20
CA ILE B 122 -35.20 -14.64 5.95
C ILE B 122 -34.26 -14.83 7.13
N ALA B 123 -33.00 -15.10 6.83
CA ALA B 123 -31.84 -15.14 7.71
C ALA B 123 -31.74 -16.44 8.54
N ARG B 124 -32.72 -17.33 8.48
CA ARG B 124 -32.64 -18.62 9.18
C ARG B 124 -32.33 -19.73 8.19
N SER B 125 -31.37 -20.57 8.55
CA SER B 125 -30.91 -21.67 7.72
C SER B 125 -30.80 -22.93 8.56
N GLY B 126 -30.91 -24.08 7.90
CA GLY B 126 -30.75 -25.34 8.59
C GLY B 126 -29.32 -25.69 8.94
N SER B 127 -28.35 -24.95 8.42
CA SER B 127 -26.95 -25.22 8.74
C SER B 127 -26.67 -24.97 10.22
N LYS B 128 -27.18 -23.87 10.76
CA LYS B 128 -27.00 -23.60 12.19
C LYS B 128 -27.70 -24.65 13.04
N ALA B 129 -28.91 -25.06 12.63
CA ALA B 129 -29.61 -26.14 13.35
C ALA B 129 -28.82 -27.44 13.25
N PHE B 130 -28.25 -27.72 12.08
CA PHE B 130 -27.41 -28.90 11.93
C PHE B 130 -26.18 -28.83 12.83
N LEU B 131 -25.56 -27.66 12.91
CA LEU B 131 -24.40 -27.49 13.78
C LEU B 131 -24.77 -27.69 15.25
N ASP B 132 -25.92 -27.15 15.67
CA ASP B 132 -26.35 -27.31 17.05
C ASP B 132 -26.77 -28.74 17.36
N ALA B 133 -27.24 -29.48 16.35
CA ALA B 133 -27.64 -30.86 16.53
C ALA B 133 -26.47 -31.83 16.51
N LEU B 134 -25.25 -31.35 16.27
CA LEU B 134 -24.09 -32.23 16.25
C LEU B 134 -23.85 -32.86 17.61
N GLN B 135 -23.98 -32.06 18.69
CA GLN B 135 -23.75 -32.48 20.06
C GLN B 135 -22.30 -32.86 20.31
N ASN B 136 -21.45 -32.75 19.29
CA ASN B 136 -20.02 -33.02 19.43
C ASN B 136 -19.15 -31.90 18.89
N GLN B 137 -19.58 -31.25 17.80
CA GLN B 137 -18.82 -30.16 17.17
C GLN B 137 -17.40 -30.59 16.82
N ALA B 138 -17.26 -31.83 16.37
CA ALA B 138 -15.95 -32.39 16.01
C ALA B 138 -15.92 -33.13 14.70
N GLU B 139 -17.07 -33.52 14.12
CA GLU B 139 -17.09 -34.30 12.90
C GLU B 139 -17.34 -33.45 11.66
N ALA B 140 -18.43 -32.70 11.64
CA ALA B 140 -18.80 -31.88 10.48
C ALA B 140 -18.91 -30.40 10.81
N SER B 141 -18.45 -29.98 11.99
CA SER B 141 -18.53 -28.57 12.35
C SER B 141 -17.50 -27.73 11.60
N SER B 142 -16.48 -28.35 11.03
CA SER B 142 -15.43 -27.65 10.32
C SER B 142 -15.67 -27.54 8.82
N LYS B 143 -16.80 -28.05 8.33
CA LYS B 143 -17.09 -28.07 6.90
C LYS B 143 -18.39 -27.36 6.55
N ILE B 144 -19.03 -26.68 7.50
CA ILE B 144 -20.27 -25.96 7.27
C ILE B 144 -19.94 -24.49 7.04
N ILE B 145 -20.40 -23.96 5.91
CA ILE B 145 -20.11 -22.59 5.53
C ILE B 145 -21.27 -21.65 5.83
N GLY B 146 -22.50 -22.07 5.54
CA GLY B 146 -23.65 -21.23 5.74
C GLY B 146 -23.87 -20.93 7.21
N GLN B 147 -23.85 -19.65 7.59
CA GLN B 147 -24.11 -19.26 8.96
C GLN B 147 -25.02 -18.05 9.11
N PHE B 148 -25.28 -17.30 8.05
CA PHE B 148 -26.10 -16.09 8.14
C PHE B 148 -27.53 -16.28 7.68
N GLY B 149 -27.81 -17.27 6.82
CA GLY B 149 -29.15 -17.51 6.37
C GLY B 149 -29.63 -16.65 5.22
N VAL B 150 -28.75 -15.84 4.63
CA VAL B 150 -29.11 -14.96 3.52
C VAL B 150 -28.28 -15.26 2.28
N GLY B 151 -27.59 -16.39 2.24
CA GLY B 151 -26.76 -16.70 1.09
C GLY B 151 -27.56 -16.94 -0.17
N PHE B 152 -28.72 -17.61 -0.03
CA PHE B 152 -29.54 -17.89 -1.21
C PHE B 152 -30.09 -16.62 -1.85
N TYR B 153 -30.46 -15.64 -1.02
CA TYR B 153 -31.08 -14.42 -1.53
C TYR B 153 -30.12 -13.58 -2.36
N SER B 154 -28.82 -13.89 -2.34
CA SER B 154 -27.88 -13.21 -3.22
C SER B 154 -28.16 -13.49 -4.69
N ALA B 155 -28.92 -14.55 -4.99
CA ALA B 155 -29.25 -14.85 -6.39
C ALA B 155 -30.16 -13.79 -6.98
N PHE B 156 -30.97 -13.12 -6.16
CA PHE B 156 -31.92 -12.13 -6.66
C PHE B 156 -31.25 -10.86 -7.17
N MET B 157 -29.95 -10.69 -6.93
CA MET B 157 -29.26 -9.51 -7.46
C MET B 157 -29.28 -9.50 -8.98
N VAL B 158 -29.09 -10.67 -9.61
CA VAL B 158 -29.03 -10.78 -11.05
C VAL B 158 -30.18 -11.60 -11.64
N ALA B 159 -31.05 -12.15 -10.79
CA ALA B 159 -32.15 -12.98 -11.25
C ALA B 159 -33.49 -12.34 -10.90
N ASP B 160 -34.38 -12.26 -11.89
CA ASP B 160 -35.73 -11.79 -11.69
C ASP B 160 -36.73 -12.95 -11.55
N ARG B 161 -36.27 -14.19 -11.64
CA ARG B 161 -37.15 -15.35 -11.53
C ARG B 161 -36.30 -16.54 -11.11
N VAL B 162 -36.56 -17.08 -9.93
CA VAL B 162 -35.78 -18.18 -9.36
C VAL B 162 -36.68 -19.41 -9.29
N GLU B 163 -36.22 -20.51 -9.88
CA GLU B 163 -36.95 -21.77 -9.90
C GLU B 163 -36.10 -22.83 -9.21
N VAL B 164 -36.64 -23.45 -8.17
CA VAL B 164 -35.89 -24.38 -7.34
C VAL B 164 -36.66 -25.70 -7.25
N TYR B 165 -35.97 -26.80 -7.52
CA TYR B 165 -36.49 -28.14 -7.33
C TYR B 165 -35.70 -28.81 -6.21
N SER B 166 -36.41 -29.34 -5.21
CA SER B 166 -35.73 -29.97 -4.08
C SER B 166 -36.63 -31.04 -3.48
N ARG B 167 -36.00 -32.04 -2.88
CA ARG B 167 -36.69 -33.09 -2.15
C ARG B 167 -35.70 -33.76 -1.21
N SER B 168 -36.17 -34.06 0.01
CA SER B 168 -35.29 -34.64 1.01
C SER B 168 -34.87 -36.05 0.63
N ALA B 169 -33.72 -36.47 1.15
CA ALA B 169 -33.20 -37.81 0.93
C ALA B 169 -33.84 -38.86 1.84
N ALA B 170 -34.95 -38.52 2.49
CA ALA B 170 -35.62 -39.46 3.36
C ALA B 170 -36.21 -40.62 2.55
N PRO B 171 -36.35 -41.80 3.16
CA PRO B 171 -36.91 -42.95 2.42
C PRO B 171 -38.40 -42.81 2.15
N GLY B 172 -38.75 -42.05 1.11
CA GLY B 172 -40.14 -41.86 0.76
C GLY B 172 -40.56 -40.41 0.65
N SER B 173 -39.60 -39.52 0.41
CA SER B 173 -39.91 -38.11 0.23
C SER B 173 -40.40 -37.85 -1.20
N LEU B 174 -40.99 -36.68 -1.38
CA LEU B 174 -41.56 -36.27 -2.67
C LEU B 174 -40.96 -34.95 -3.10
N GLY B 175 -40.90 -34.74 -4.41
CA GLY B 175 -40.38 -33.51 -4.94
C GLY B 175 -41.29 -32.33 -4.71
N TYR B 176 -40.73 -31.13 -4.87
CA TYR B 176 -41.49 -29.91 -4.63
C TYR B 176 -41.00 -28.83 -5.60
N GLN B 177 -41.84 -27.81 -5.77
CA GLN B 177 -41.57 -26.68 -6.65
C GLN B 177 -41.43 -25.42 -5.81
N TRP B 178 -40.48 -24.57 -6.18
CA TRP B 178 -40.22 -23.33 -5.44
C TRP B 178 -39.93 -22.23 -6.44
N LEU B 179 -40.84 -21.26 -6.54
CA LEU B 179 -40.71 -20.13 -7.45
C LEU B 179 -40.73 -18.83 -6.67
N SER B 180 -39.89 -17.88 -7.06
CA SER B 180 -39.86 -16.57 -6.44
C SER B 180 -39.28 -15.57 -7.42
N ASP B 181 -39.93 -14.40 -7.54
CA ASP B 181 -39.48 -13.34 -8.43
C ASP B 181 -38.75 -12.22 -7.71
N GLY B 182 -38.47 -12.39 -6.43
CA GLY B 182 -37.80 -11.37 -5.65
C GLY B 182 -38.69 -10.24 -5.17
N SER B 183 -40.00 -10.36 -5.33
CA SER B 183 -40.95 -9.34 -4.92
C SER B 183 -41.46 -9.54 -3.49
N GLY B 184 -40.91 -10.51 -2.76
CA GLY B 184 -41.35 -10.80 -1.42
C GLY B 184 -42.44 -11.84 -1.30
N VAL B 185 -42.98 -12.32 -2.42
CA VAL B 185 -44.00 -13.37 -2.44
C VAL B 185 -43.47 -14.53 -3.26
N PHE B 186 -43.52 -15.73 -2.68
CA PHE B 186 -43.06 -16.93 -3.35
C PHE B 186 -44.15 -17.99 -3.31
N GLU B 187 -44.16 -18.84 -4.35
CA GLU B 187 -45.13 -19.89 -4.50
C GLU B 187 -44.44 -21.25 -4.44
N ILE B 188 -45.04 -22.18 -3.68
CA ILE B 188 -44.51 -23.52 -3.52
C ILE B 188 -45.57 -24.53 -3.94
N ALA B 189 -45.16 -25.52 -4.72
CA ALA B 189 -46.06 -26.56 -5.19
C ALA B 189 -45.31 -27.90 -5.11
N GLU B 190 -45.94 -28.94 -5.65
CA GLU B 190 -45.36 -30.28 -5.68
C GLU B 190 -44.92 -30.61 -7.09
N ALA B 191 -43.66 -31.02 -7.23
CA ALA B 191 -43.08 -31.30 -8.54
C ALA B 191 -42.77 -32.78 -8.67
N SER B 192 -43.01 -33.33 -9.85
CA SER B 192 -42.74 -34.73 -10.16
C SER B 192 -41.53 -34.84 -11.07
N GLY B 193 -40.85 -35.99 -10.98
CA GLY B 193 -39.67 -36.24 -11.76
C GLY B 193 -38.37 -35.77 -11.14
N VAL B 194 -38.43 -35.07 -10.01
CA VAL B 194 -37.22 -34.61 -9.34
C VAL B 194 -36.56 -35.79 -8.63
N ARG B 195 -35.24 -35.88 -8.73
CA ARG B 195 -34.49 -36.91 -8.04
C ARG B 195 -33.88 -36.36 -6.76
N THR B 196 -33.07 -37.18 -6.09
CA THR B 196 -32.43 -36.76 -4.85
C THR B 196 -31.50 -35.59 -5.11
N GLY B 197 -31.56 -34.59 -4.23
CA GLY B 197 -30.78 -33.39 -4.35
C GLY B 197 -31.63 -32.19 -4.76
N THR B 198 -31.01 -31.02 -4.68
CA THR B 198 -31.67 -29.76 -4.98
C THR B 198 -31.13 -29.18 -6.28
N LYS B 199 -32.04 -28.84 -7.19
CA LYS B 199 -31.71 -28.20 -8.45
C LYS B 199 -32.31 -26.80 -8.47
N ILE B 200 -31.49 -25.82 -8.82
CA ILE B 200 -31.89 -24.41 -8.82
C ILE B 200 -31.76 -23.85 -10.22
N ILE B 201 -32.84 -23.24 -10.71
CA ILE B 201 -32.86 -22.60 -12.02
C ILE B 201 -32.93 -21.09 -11.78
N ILE B 202 -31.99 -20.37 -12.37
CA ILE B 202 -31.89 -18.92 -12.21
C ILE B 202 -32.07 -18.28 -13.57
N HIS B 203 -33.02 -17.35 -13.66
CA HIS B 203 -33.30 -16.61 -14.90
C HIS B 203 -32.61 -15.26 -14.81
N LEU B 204 -31.57 -15.08 -15.62
CA LEU B 204 -30.76 -13.87 -15.55
C LEU B 204 -31.55 -12.65 -16.01
N LYS B 205 -31.21 -11.50 -15.43
CA LYS B 205 -31.83 -10.25 -15.82
C LYS B 205 -31.32 -9.80 -17.18
N SER B 206 -32.05 -8.85 -17.78
CA SER B 206 -31.65 -8.34 -19.09
C SER B 206 -30.31 -7.63 -19.03
N ASP B 207 -30.10 -6.81 -17.99
CA ASP B 207 -28.84 -6.09 -17.83
C ASP B 207 -27.75 -6.93 -17.17
N CYS B 208 -28.09 -8.08 -16.61
CA CYS B 208 -27.14 -8.96 -15.94
C CYS B 208 -26.92 -10.25 -16.73
N LYS B 209 -26.85 -10.14 -18.06
CA LYS B 209 -26.69 -11.30 -18.93
C LYS B 209 -25.24 -11.75 -19.07
N GLU B 210 -24.29 -11.03 -18.47
CA GLU B 210 -22.89 -11.39 -18.59
C GLU B 210 -22.56 -12.70 -17.90
N PHE B 211 -23.41 -13.17 -17.00
CA PHE B 211 -23.19 -14.43 -16.29
C PHE B 211 -23.70 -15.65 -17.06
N SER B 212 -24.27 -15.45 -18.25
CA SER B 212 -24.75 -16.54 -19.07
C SER B 212 -23.66 -17.15 -19.94
N SER B 213 -22.44 -16.63 -19.88
CA SER B 213 -21.32 -17.14 -20.65
C SER B 213 -20.51 -18.11 -19.80
N GLU B 214 -19.95 -19.13 -20.45
CA GLU B 214 -19.16 -20.13 -19.75
C GLU B 214 -17.91 -19.53 -19.13
N ALA B 215 -17.27 -18.58 -19.82
CA ALA B 215 -16.03 -18.00 -19.32
C ALA B 215 -16.25 -17.23 -18.03
N ARG B 216 -17.36 -16.50 -17.92
CA ARG B 216 -17.64 -15.74 -16.71
C ARG B 216 -17.84 -16.67 -15.51
N VAL B 217 -18.66 -17.71 -15.68
CA VAL B 217 -18.86 -18.66 -14.60
C VAL B 217 -17.54 -19.32 -14.23
N ARG B 218 -16.73 -19.68 -15.24
CA ARG B 218 -15.48 -20.37 -14.98
C ARG B 218 -14.52 -19.49 -14.18
N ASP B 219 -14.37 -18.22 -14.57
CA ASP B 219 -13.39 -17.39 -13.87
C ASP B 219 -13.88 -16.98 -12.49
N VAL B 220 -15.19 -16.78 -12.32
CA VAL B 220 -15.71 -16.50 -10.99
C VAL B 220 -15.51 -17.70 -10.07
N VAL B 221 -15.77 -18.91 -10.58
CA VAL B 221 -15.59 -20.11 -9.76
C VAL B 221 -14.12 -20.30 -9.40
N THR B 222 -13.22 -20.12 -10.37
CA THR B 222 -11.80 -20.21 -10.06
C THR B 222 -11.32 -19.09 -9.14
N LYS B 223 -12.06 -17.98 -9.09
CA LYS B 223 -11.75 -16.95 -8.11
C LYS B 223 -12.22 -17.34 -6.71
N TYR B 224 -13.37 -18.00 -6.60
CA TYR B 224 -14.02 -18.23 -5.31
C TYR B 224 -14.08 -19.68 -4.88
N SER B 225 -14.27 -20.62 -5.78
CA SER B 225 -14.64 -21.99 -5.43
C SER B 225 -13.67 -23.00 -6.04
N ASN B 226 -12.37 -22.76 -5.88
CA ASN B 226 -11.39 -23.73 -6.35
C ASN B 226 -11.36 -24.97 -5.46
N PHE B 227 -11.43 -24.78 -4.14
CA PHE B 227 -11.17 -25.84 -3.17
C PHE B 227 -12.45 -26.37 -2.53
N VAL B 228 -13.52 -26.52 -3.31
CA VAL B 228 -14.73 -27.12 -2.79
C VAL B 228 -14.45 -28.56 -2.37
N SER B 229 -15.00 -28.95 -1.22
CA SER B 229 -14.76 -30.28 -0.68
C SER B 229 -15.34 -31.39 -1.55
N PHE B 230 -16.20 -31.06 -2.50
CA PHE B 230 -16.83 -32.03 -3.38
C PHE B 230 -16.57 -31.67 -4.84
N PRO B 231 -16.61 -32.65 -5.74
CA PRO B 231 -16.35 -32.35 -7.16
C PRO B 231 -17.32 -31.33 -7.71
N LEU B 232 -16.80 -30.43 -8.54
CA LEU B 232 -17.59 -29.38 -9.18
C LEU B 232 -17.37 -29.47 -10.69
N TYR B 233 -18.46 -29.45 -11.44
CA TYR B 233 -18.41 -29.61 -12.90
C TYR B 233 -19.08 -28.44 -13.58
N LEU B 234 -18.38 -27.84 -14.55
CA LEU B 234 -18.93 -26.80 -15.40
C LEU B 234 -19.27 -27.43 -16.75
N ASN B 235 -20.57 -27.59 -17.00
CA ASN B 235 -21.07 -28.22 -18.23
C ASN B 235 -20.48 -29.62 -18.40
N GLY B 236 -20.34 -30.34 -17.29
CA GLY B 236 -19.77 -31.66 -17.29
C GLY B 236 -18.27 -31.73 -17.24
N ARG B 237 -17.58 -30.60 -17.12
CA ARG B 237 -16.12 -30.56 -17.09
C ARG B 237 -15.65 -30.25 -15.67
N ARG B 238 -14.80 -31.12 -15.14
CA ARG B 238 -14.20 -30.86 -13.83
C ARG B 238 -13.23 -29.70 -13.93
N MET B 239 -13.27 -28.80 -12.93
CA MET B 239 -12.45 -27.59 -12.98
C MET B 239 -11.86 -27.25 -11.62
N ASN B 240 -11.63 -28.25 -10.78
CA ASN B 240 -11.02 -28.01 -9.47
C ASN B 240 -9.50 -28.11 -9.53
N THR B 241 -8.98 -29.29 -9.90
CA THR B 241 -7.55 -29.54 -10.10
C THR B 241 -6.72 -29.32 -8.84
N LEU B 242 -7.37 -28.97 -7.72
CA LEU B 242 -6.69 -28.70 -6.46
C LEU B 242 -7.47 -29.35 -5.34
N GLN B 243 -6.76 -29.72 -4.27
CA GLN B 243 -7.36 -30.45 -3.15
C GLN B 243 -7.13 -29.77 -1.81
N ALA B 244 -6.71 -28.50 -1.81
CA ALA B 244 -6.50 -27.71 -0.59
C ALA B 244 -5.50 -28.41 0.33
N ILE B 245 -4.26 -28.48 -0.15
CA ILE B 245 -3.21 -29.22 0.53
C ILE B 245 -2.82 -28.63 1.87
N TRP B 246 -3.43 -27.51 2.28
CA TRP B 246 -3.12 -26.89 3.56
C TRP B 246 -3.94 -27.45 4.71
N MET B 247 -4.63 -28.57 4.51
CA MET B 247 -5.51 -29.13 5.52
C MET B 247 -4.91 -30.34 6.26
N MET B 248 -4.28 -31.25 5.53
CA MET B 248 -3.83 -32.51 6.11
C MET B 248 -2.47 -32.32 6.80
N ASP B 249 -1.83 -33.44 7.13
CA ASP B 249 -0.53 -33.42 7.77
C ASP B 249 0.49 -32.78 6.82
N PRO B 250 1.30 -31.82 7.29
CA PRO B 250 2.33 -31.24 6.42
C PRO B 250 3.30 -32.26 5.86
N LYS B 251 3.58 -33.35 6.58
CA LYS B 251 4.47 -34.37 6.05
C LYS B 251 3.80 -35.16 4.93
N ASP B 252 2.47 -35.23 4.92
CA ASP B 252 1.78 -35.97 3.86
C ASP B 252 1.97 -35.32 2.50
N VAL B 253 1.87 -33.99 2.43
CA VAL B 253 2.00 -33.30 1.16
C VAL B 253 3.47 -33.25 0.76
N GLY B 254 3.74 -33.63 -0.49
CA GLY B 254 5.12 -33.67 -0.97
C GLY B 254 5.63 -32.31 -1.41
N GLU B 255 6.94 -32.28 -1.68
CA GLU B 255 7.57 -31.03 -2.11
C GLU B 255 7.09 -30.64 -3.51
N TRP B 256 6.87 -31.61 -4.39
CA TRP B 256 6.39 -31.30 -5.74
C TRP B 256 4.96 -30.75 -5.70
N GLN B 257 4.13 -31.27 -4.80
CA GLN B 257 2.76 -30.77 -4.68
C GLN B 257 2.72 -29.32 -4.21
N HIS B 258 3.74 -28.90 -3.44
CA HIS B 258 3.80 -27.50 -3.02
C HIS B 258 3.97 -26.57 -4.21
N GLU B 259 4.79 -26.97 -5.18
CA GLU B 259 5.02 -26.14 -6.36
C GLU B 259 3.74 -25.99 -7.18
N GLU B 260 2.98 -27.08 -7.33
CA GLU B 260 1.74 -27.02 -8.10
C GLU B 260 0.76 -26.03 -7.49
N PHE B 261 0.61 -26.05 -6.17
CA PHE B 261 -0.27 -25.09 -5.51
C PHE B 261 0.34 -23.69 -5.51
N TYR B 262 1.67 -23.61 -5.54
CA TYR B 262 2.33 -22.30 -5.60
C TYR B 262 2.02 -21.57 -6.90
N ARG B 263 1.98 -22.30 -8.01
CA ARG B 263 1.78 -21.66 -9.32
C ARG B 263 0.42 -20.97 -9.43
N TYR B 264 -0.54 -21.35 -8.59
CA TYR B 264 -1.87 -20.73 -8.65
C TYR B 264 -1.93 -19.46 -7.82
N VAL B 265 -1.59 -19.55 -6.53
CA VAL B 265 -1.75 -18.39 -5.65
C VAL B 265 -0.75 -17.30 -5.99
N ALA B 266 0.48 -17.68 -6.35
CA ALA B 266 1.51 -16.69 -6.67
C ALA B 266 1.38 -16.14 -8.08
N GLN B 267 0.64 -16.82 -8.95
CA GLN B 267 0.48 -16.42 -10.36
C GLN B 267 1.83 -16.25 -11.04
N ALA B 268 2.77 -17.14 -10.71
CA ALA B 268 4.11 -17.11 -11.27
C ALA B 268 4.53 -18.52 -11.63
N HIS B 269 5.47 -18.61 -12.58
CA HIS B 269 5.93 -19.88 -13.10
C HIS B 269 7.18 -20.40 -12.42
N ASP B 270 7.67 -19.72 -11.39
CA ASP B 270 8.87 -20.14 -10.68
C ASP B 270 8.50 -21.15 -9.59
N LYS B 271 9.45 -21.45 -8.70
CA LYS B 271 9.24 -22.40 -7.62
C LYS B 271 9.51 -21.71 -6.28
N PRO B 272 8.81 -22.13 -5.21
CA PRO B 272 9.05 -21.51 -3.90
C PRO B 272 10.31 -22.05 -3.25
N ARG B 273 11.19 -21.13 -2.84
CA ARG B 273 12.43 -21.53 -2.18
C ARG B 273 12.20 -21.96 -0.73
N TYR B 274 11.11 -21.51 -0.12
CA TYR B 274 10.78 -21.87 1.25
C TYR B 274 9.30 -22.23 1.35
N THR B 275 8.97 -23.05 2.35
CA THR B 275 7.60 -23.48 2.57
C THR B 275 7.36 -23.60 4.06
N LEU B 276 6.39 -22.85 4.58
CA LEU B 276 6.04 -22.87 5.99
C LEU B 276 4.59 -23.32 6.11
N HIS B 277 4.38 -24.60 6.42
CA HIS B 277 3.04 -25.15 6.60
C HIS B 277 2.69 -25.02 8.08
N TYR B 278 1.91 -24.00 8.42
CA TYR B 278 1.58 -23.69 9.80
C TYR B 278 0.20 -24.25 10.15
N LYS B 279 0.15 -25.04 11.22
CA LYS B 279 -1.10 -25.63 11.70
C LYS B 279 -1.10 -25.54 13.23
N THR B 280 -1.74 -24.50 13.76
CA THR B 280 -1.85 -24.30 15.19
C THR B 280 -3.32 -24.19 15.57
N ASP B 281 -3.62 -24.51 16.83
CA ASP B 281 -5.00 -24.48 17.33
C ASP B 281 -5.16 -23.77 18.65
N ALA B 282 -4.12 -23.62 19.46
CA ALA B 282 -4.26 -22.99 20.77
C ALA B 282 -4.72 -21.54 20.68
N PRO B 283 -4.09 -20.65 19.89
CA PRO B 283 -4.58 -19.26 19.83
C PRO B 283 -5.75 -19.09 18.88
N LEU B 284 -5.79 -19.92 17.83
CA LEU B 284 -6.83 -19.85 16.81
C LEU B 284 -6.69 -21.06 15.91
N ASN B 285 -7.80 -21.48 15.31
CA ASN B 285 -7.80 -22.60 14.37
C ASN B 285 -7.19 -22.11 13.07
N ILE B 286 -5.88 -22.23 12.96
CA ILE B 286 -5.11 -21.68 11.85
C ILE B 286 -4.51 -22.83 11.05
N ARG B 287 -4.83 -22.86 9.75
CA ARG B 287 -4.22 -23.79 8.80
C ARG B 287 -3.69 -22.94 7.65
N SER B 288 -2.48 -22.41 7.80
CA SER B 288 -1.91 -21.48 6.84
C SER B 288 -0.60 -22.03 6.28
N ILE B 289 -0.35 -21.73 5.02
CA ILE B 289 0.88 -22.11 4.33
C ILE B 289 1.44 -20.89 3.61
N PHE B 290 2.75 -20.69 3.72
CA PHE B 290 3.42 -19.54 3.13
C PHE B 290 4.58 -20.00 2.27
N TYR B 291 4.74 -19.35 1.12
CA TYR B 291 5.81 -19.66 0.18
C TYR B 291 6.67 -18.43 -0.05
N VAL B 292 7.98 -18.64 -0.13
CA VAL B 292 8.95 -17.60 -0.43
C VAL B 292 9.46 -17.83 -1.85
N PRO B 293 9.21 -16.93 -2.79
CA PRO B 293 9.67 -17.14 -4.17
C PRO B 293 11.19 -17.22 -4.24
N ASP B 294 11.68 -18.09 -5.12
CA ASP B 294 13.12 -18.26 -5.31
C ASP B 294 13.73 -17.20 -6.21
N MET B 295 12.93 -16.44 -6.94
CA MET B 295 13.44 -15.42 -7.84
C MET B 295 13.61 -14.10 -7.09
N LYS B 296 14.53 -13.29 -7.58
CA LYS B 296 14.77 -11.97 -6.98
C LYS B 296 13.55 -11.09 -7.19
N PRO B 297 13.05 -10.41 -6.16
CA PRO B 297 11.89 -9.53 -6.34
C PRO B 297 12.21 -8.38 -7.29
N SER B 298 11.23 -8.02 -8.12
CA SER B 298 11.41 -6.92 -9.04
C SER B 298 11.41 -5.59 -8.30
N MET B 299 12.34 -4.71 -8.68
CA MET B 299 12.40 -3.40 -8.05
C MET B 299 11.13 -2.60 -8.32
N PHE B 300 10.60 -2.67 -9.54
CA PHE B 300 9.34 -2.00 -9.84
C PHE B 300 8.19 -2.60 -9.02
N ASP B 301 8.17 -3.93 -8.88
CA ASP B 301 7.13 -4.57 -8.10
C ASP B 301 7.21 -4.18 -6.63
N VAL B 302 8.43 -4.09 -6.09
CA VAL B 302 8.60 -3.72 -4.69
C VAL B 302 8.08 -2.31 -4.43
N SER B 303 8.41 -1.36 -5.31
CA SER B 303 7.97 0.01 -5.13
C SER B 303 6.46 0.18 -5.24
N ARG B 304 5.78 -0.75 -5.92
CA ARG B 304 4.33 -0.68 -6.06
C ARG B 304 3.64 -1.19 -4.80
N GLU B 305 2.36 -0.87 -4.70
CA GLU B 305 1.55 -1.30 -3.56
C GLU B 305 0.31 -2.04 -4.01
N SER B 309 -1.06 -10.03 -1.64
CA SER B 309 -0.17 -10.80 -0.78
C SER B 309 -0.67 -12.22 -0.60
N VAL B 310 -1.27 -12.50 0.55
CA VAL B 310 -1.82 -13.80 0.85
C VAL B 310 -3.33 -13.77 0.64
N ALA B 311 -3.92 -14.94 0.46
CA ALA B 311 -5.36 -15.08 0.22
C ALA B 311 -6.02 -15.63 1.47
N LEU B 312 -7.08 -14.96 1.91
CA LEU B 312 -7.83 -15.40 3.08
C LEU B 312 -8.84 -16.47 2.69
N TYR B 313 -8.88 -17.56 3.45
CA TYR B 313 -9.81 -18.66 3.20
C TYR B 313 -10.52 -19.04 4.49
N SER B 314 -11.82 -19.27 4.40
CA SER B 314 -12.63 -19.70 5.54
C SER B 314 -13.58 -20.78 5.06
N ARG B 315 -13.45 -21.98 5.62
CA ARG B 315 -14.22 -23.15 5.19
C ARG B 315 -14.03 -23.40 3.69
N LYS B 316 -12.80 -23.22 3.22
CA LYS B 316 -12.44 -23.38 1.82
C LYS B 316 -13.27 -22.47 0.92
N VAL B 317 -13.54 -21.26 1.40
CA VAL B 317 -14.26 -20.24 0.64
C VAL B 317 -13.46 -18.94 0.72
N LEU B 318 -13.20 -18.34 -0.44
CA LEU B 318 -12.41 -17.12 -0.48
C LEU B 318 -13.18 -15.95 0.10
N ILE B 319 -12.48 -15.11 0.85
CA ILE B 319 -13.06 -13.89 1.42
C ILE B 319 -12.72 -12.65 0.59
N GLN B 320 -11.72 -12.74 -0.29
CA GLN B 320 -11.28 -11.65 -1.17
C GLN B 320 -11.12 -10.34 -0.40
N THR B 321 -10.29 -10.41 0.64
CA THR B 321 -9.95 -9.26 1.47
C THR B 321 -8.42 -9.11 1.50
N LYS B 322 -7.82 -9.12 0.32
CA LYS B 322 -6.37 -8.95 0.22
C LYS B 322 -5.93 -7.56 0.66
N ALA B 323 -6.82 -6.59 0.68
CA ALA B 323 -6.49 -5.24 1.10
C ALA B 323 -6.40 -5.16 2.62
N THR B 324 -6.15 -3.95 3.12
CA THR B 324 -6.03 -3.61 4.54
C THR B 324 -4.84 -4.27 5.23
N ASP B 325 -4.04 -5.05 4.50
CA ASP B 325 -2.79 -5.62 5.02
C ASP B 325 -3.04 -6.48 6.26
N ILE B 326 -3.77 -7.58 6.03
CA ILE B 326 -3.98 -8.57 7.09
C ILE B 326 -2.66 -9.12 7.59
N LEU B 327 -1.66 -9.21 6.71
CA LEU B 327 -0.27 -9.60 6.90
C LEU B 327 0.60 -8.35 7.00
N PRO B 328 1.67 -8.38 7.79
CA PRO B 328 2.54 -7.19 7.90
C PRO B 328 3.08 -6.77 6.54
N LYS B 329 3.24 -5.46 6.38
CA LYS B 329 3.64 -4.90 5.09
C LYS B 329 5.01 -5.41 4.66
N TRP B 330 5.94 -5.53 5.61
CA TRP B 330 7.27 -6.05 5.29
C TRP B 330 7.25 -7.53 4.91
N LEU B 331 6.15 -8.23 5.17
CA LEU B 331 6.01 -9.64 4.83
C LEU B 331 5.20 -9.85 3.56
N ARG B 332 4.99 -8.79 2.77
CA ARG B 332 4.20 -8.90 1.55
C ARG B 332 4.90 -9.69 0.45
N PHE B 333 6.18 -10.03 0.63
CA PHE B 333 6.93 -10.74 -0.41
C PHE B 333 6.62 -12.23 -0.47
N ILE B 334 5.88 -12.76 0.50
CA ILE B 334 5.53 -14.18 0.53
C ILE B 334 4.16 -14.36 -0.09
N ARG B 335 3.93 -15.54 -0.68
CA ARG B 335 2.67 -15.90 -1.28
C ARG B 335 2.13 -17.17 -0.62
N GLY B 336 0.82 -17.24 -0.47
CA GLY B 336 0.19 -18.38 0.15
C GLY B 336 -1.23 -18.06 0.56
N VAL B 337 -1.78 -18.93 1.39
CA VAL B 337 -3.14 -18.79 1.90
C VAL B 337 -3.12 -18.91 3.42
N VAL B 338 -4.12 -18.31 4.05
CA VAL B 338 -4.29 -18.35 5.51
C VAL B 338 -5.72 -18.81 5.77
N ASP B 339 -5.89 -20.12 5.99
CA ASP B 339 -7.20 -20.68 6.26
C ASP B 339 -7.50 -20.60 7.75
N SER B 340 -8.65 -20.04 8.10
CA SER B 340 -9.06 -19.90 9.50
C SER B 340 -10.58 -19.90 9.55
N GLU B 341 -11.14 -20.86 10.29
CA GLU B 341 -12.58 -21.04 10.31
C GLU B 341 -13.28 -20.31 11.45
N ASP B 342 -12.53 -19.90 12.48
CA ASP B 342 -13.12 -19.27 13.66
C ASP B 342 -13.17 -17.75 13.57
N ILE B 343 -12.66 -17.17 12.49
CA ILE B 343 -12.71 -15.71 12.32
C ILE B 343 -14.14 -15.29 12.01
N PRO B 344 -14.57 -14.10 12.46
CA PRO B 344 -15.93 -13.65 12.15
C PRO B 344 -16.00 -12.88 10.84
N LEU B 345 -17.08 -13.13 10.11
CA LEU B 345 -17.34 -12.49 8.83
C LEU B 345 -18.64 -11.71 8.89
N ASN B 346 -18.71 -10.65 8.10
CA ASN B 346 -19.90 -9.80 8.06
C ASN B 346 -20.96 -10.45 7.16
N LEU B 347 -22.04 -9.72 6.90
CA LEU B 347 -23.13 -10.26 6.09
C LEU B 347 -22.69 -10.47 4.64
N SER B 348 -21.80 -9.62 4.14
CA SER B 348 -21.30 -9.73 2.77
C SER B 348 -20.21 -10.78 2.60
N ARG B 349 -20.05 -11.67 3.58
CA ARG B 349 -19.02 -12.71 3.55
C ARG B 349 -17.63 -12.11 3.37
N GLU B 350 -17.38 -10.98 4.02
CA GLU B 350 -16.09 -10.30 3.99
C GLU B 350 -15.51 -10.23 5.39
N LEU B 351 -14.22 -9.96 5.47
CA LEU B 351 -13.53 -9.90 6.74
C LEU B 351 -13.93 -8.64 7.51
N LEU B 352 -14.09 -8.78 8.82
CA LEU B 352 -14.36 -7.66 9.70
C LEU B 352 -13.10 -6.82 9.83
N GLN B 353 -13.05 -5.70 9.11
CA GLN B 353 -11.85 -4.87 9.11
C GLN B 353 -11.62 -4.22 10.47
N GLU B 354 -10.36 -4.17 10.87
CA GLU B 354 -9.96 -3.57 12.14
C GLU B 354 -10.66 -4.23 13.33
N SER B 355 -10.85 -5.54 13.23
CA SER B 355 -11.47 -6.29 14.33
C SER B 355 -10.45 -6.58 15.42
N ALA B 356 -10.96 -6.78 16.63
CA ALA B 356 -10.07 -7.10 17.76
C ALA B 356 -9.39 -8.45 17.57
N LEU B 357 -10.15 -9.45 17.08
CA LEU B 357 -9.59 -10.78 16.93
C LEU B 357 -8.64 -10.88 15.74
N ILE B 358 -8.93 -10.16 14.65
CA ILE B 358 -8.11 -10.26 13.46
C ILE B 358 -6.72 -9.66 13.68
N ARG B 359 -6.59 -8.72 14.63
CA ARG B 359 -5.26 -8.17 14.93
C ARG B 359 -4.36 -9.21 15.58
N LYS B 360 -4.94 -10.14 16.35
CA LYS B 360 -4.14 -11.23 16.91
C LYS B 360 -3.63 -12.16 15.82
N LEU B 361 -4.37 -12.31 14.72
CA LEU B 361 -3.91 -13.14 13.61
C LEU B 361 -2.64 -12.58 13.00
N ARG B 362 -2.57 -11.25 12.82
CA ARG B 362 -1.38 -10.65 12.24
C ARG B 362 -0.17 -10.83 13.16
N ASP B 363 -0.35 -10.63 14.46
CA ASP B 363 0.76 -10.78 15.39
C ASP B 363 1.24 -12.22 15.46
N VAL B 364 0.31 -13.17 15.51
CA VAL B 364 0.69 -14.59 15.60
C VAL B 364 1.41 -15.03 14.33
N LEU B 365 0.89 -14.64 13.16
CA LEU B 365 1.53 -15.02 11.91
C LEU B 365 2.90 -14.39 11.78
N GLN B 366 3.05 -13.13 12.19
CA GLN B 366 4.33 -12.45 12.09
C GLN B 366 5.39 -13.14 12.96
N GLN B 367 5.01 -13.52 14.19
CA GLN B 367 5.95 -14.21 15.06
C GLN B 367 6.35 -15.56 14.50
N ARG B 368 5.38 -16.31 13.96
CA ARG B 368 5.69 -17.61 13.37
C ARG B 368 6.61 -17.48 12.16
N LEU B 369 6.33 -16.49 11.30
CA LEU B 369 7.17 -16.27 10.13
C LEU B 369 8.59 -15.86 10.52
N ILE B 370 8.72 -14.99 11.53
CA ILE B 370 10.03 -14.59 12.00
C ILE B 370 10.78 -15.79 12.57
N LYS B 371 10.09 -16.61 13.38
CA LYS B 371 10.72 -17.80 13.92
C LYS B 371 11.08 -18.79 12.81
N PHE B 372 10.23 -18.92 11.80
CA PHE B 372 10.51 -19.83 10.70
C PHE B 372 11.78 -19.40 9.94
N PHE B 373 11.93 -18.10 9.69
CA PHE B 373 13.12 -17.62 9.00
C PHE B 373 14.37 -17.83 9.85
N ILE B 374 14.24 -17.67 11.18
CA ILE B 374 15.37 -17.92 12.07
C ILE B 374 15.78 -19.39 12.00
N ASP B 375 14.80 -20.30 12.00
CA ASP B 375 15.11 -21.72 11.92
C ASP B 375 15.78 -22.07 10.59
N GLN B 376 15.33 -21.46 9.50
CA GLN B 376 15.95 -21.72 8.20
C GLN B 376 17.39 -21.24 8.18
N SER B 377 17.67 -20.10 8.82
CA SER B 377 19.04 -19.62 8.88
C SER B 377 19.95 -20.58 9.63
N LYS B 378 19.45 -21.15 10.73
CA LYS B 378 20.23 -22.14 11.47
C LYS B 378 20.28 -23.49 10.76
N LYS B 379 19.31 -23.77 9.88
CA LYS B 379 19.30 -25.03 9.15
C LYS B 379 20.26 -24.99 7.95
N ASP B 380 20.05 -24.03 7.04
CA ASP B 380 20.88 -23.87 5.85
C ASP B 380 21.37 -22.42 5.82
N ALA B 381 22.54 -22.18 6.40
CA ALA B 381 23.08 -20.82 6.45
C ALA B 381 23.41 -20.32 5.04
N GLU B 382 23.95 -21.19 4.19
CA GLU B 382 24.29 -20.77 2.83
C GLU B 382 23.05 -20.40 2.04
N LYS B 383 21.98 -21.18 2.17
CA LYS B 383 20.73 -20.86 1.48
C LYS B 383 20.12 -19.57 2.01
N TYR B 384 20.18 -19.36 3.32
CA TYR B 384 19.60 -18.15 3.92
C TYR B 384 20.36 -16.89 3.48
N ALA B 385 21.67 -17.02 3.22
CA ALA B 385 22.44 -15.86 2.77
C ALA B 385 21.92 -15.35 1.43
N LYS B 386 21.61 -16.25 0.50
CA LYS B 386 21.02 -15.83 -0.76
C LYS B 386 19.64 -15.23 -0.55
N PHE B 387 18.85 -15.81 0.36
CA PHE B 387 17.53 -15.26 0.65
C PHE B 387 17.62 -13.86 1.24
N PHE B 388 18.58 -13.64 2.14
CA PHE B 388 18.75 -12.31 2.71
C PHE B 388 19.26 -11.31 1.68
N GLU B 389 20.09 -11.77 0.73
CA GLU B 389 20.58 -10.87 -0.31
C GLU B 389 19.47 -10.46 -1.28
N ASP B 390 18.36 -11.18 -1.32
CA ASP B 390 17.26 -10.89 -2.22
C ASP B 390 16.11 -10.16 -1.52
N TYR B 391 15.64 -10.69 -0.39
CA TYR B 391 14.49 -10.15 0.33
C TYR B 391 14.90 -9.40 1.59
N GLY B 392 16.17 -9.01 1.72
CA GLY B 392 16.62 -8.29 2.89
C GLY B 392 16.09 -6.87 2.97
N LEU B 393 15.70 -6.28 1.85
CA LEU B 393 15.15 -4.93 1.88
C LEU B 393 13.81 -4.88 2.60
N PHE B 394 13.03 -5.96 2.52
CA PHE B 394 11.76 -6.00 3.23
C PHE B 394 11.96 -5.96 4.74
N MET B 395 12.96 -6.70 5.23
CA MET B 395 13.24 -6.69 6.67
C MET B 395 13.67 -5.31 7.14
N ARG B 396 14.49 -4.62 6.35
CA ARG B 396 14.93 -3.28 6.71
C ARG B 396 13.76 -2.30 6.75
N GLU B 397 12.84 -2.42 5.79
CA GLU B 397 11.67 -1.55 5.77
C GLU B 397 10.77 -1.78 6.97
N GLY B 398 10.61 -3.05 7.37
CA GLY B 398 9.72 -3.36 8.49
C GLY B 398 10.20 -2.76 9.80
N ILE B 399 11.51 -2.82 10.06
CA ILE B 399 12.05 -2.26 11.28
C ILE B 399 11.85 -0.75 11.32
N VAL B 400 12.09 -0.08 10.19
CA VAL B 400 11.89 1.36 10.12
C VAL B 400 10.43 1.73 10.33
N THR B 401 9.52 0.99 9.70
CA THR B 401 8.09 1.28 9.74
C THR B 401 7.41 0.67 10.96
N ALA B 402 8.12 -0.08 11.79
CA ALA B 402 7.50 -0.69 12.96
C ALA B 402 7.11 0.37 13.99
N THR B 403 5.93 0.20 14.57
CA THR B 403 5.44 1.12 15.60
C THR B 403 5.69 0.62 17.01
N GLU B 404 5.98 -0.66 17.19
CA GLU B 404 6.25 -1.24 18.50
C GLU B 404 7.72 -1.58 18.60
N GLN B 405 8.35 -1.19 19.72
CA GLN B 405 9.78 -1.43 19.89
C GLN B 405 10.08 -2.93 19.94
N GLU B 406 9.25 -3.70 20.65
CA GLU B 406 9.52 -5.13 20.82
C GLU B 406 9.52 -5.85 19.47
N VAL B 407 8.70 -5.40 18.53
CA VAL B 407 8.68 -6.00 17.20
C VAL B 407 10.01 -5.78 16.49
N LYS B 408 10.65 -4.63 16.73
CA LYS B 408 11.85 -4.27 15.99
C LYS B 408 12.98 -5.27 16.24
N GLU B 409 13.18 -5.69 17.49
CA GLU B 409 14.26 -6.63 17.78
C GLU B 409 13.97 -8.00 17.18
N ASP B 410 12.70 -8.41 17.11
CA ASP B 410 12.36 -9.71 16.54
C ASP B 410 12.76 -9.78 15.07
N ILE B 411 12.48 -8.72 14.31
CA ILE B 411 12.90 -8.67 12.92
C ILE B 411 14.41 -8.48 12.81
N ALA B 412 15.03 -7.91 13.86
CA ALA B 412 16.47 -7.66 13.81
C ALA B 412 17.27 -8.96 13.78
N LYS B 413 16.70 -10.06 14.29
CA LYS B 413 17.38 -11.35 14.22
C LYS B 413 17.55 -11.83 12.78
N LEU B 414 16.72 -11.35 11.86
CA LEU B 414 16.84 -11.75 10.46
C LEU B 414 17.93 -11.00 9.72
N LEU B 415 18.43 -9.90 10.29
CA LEU B 415 19.49 -9.15 9.64
C LEU B 415 20.82 -9.91 9.74
N ARG B 416 21.63 -9.80 8.69
CA ARG B 416 22.91 -10.49 8.63
C ARG B 416 24.00 -9.48 8.27
N TYR B 417 25.09 -9.50 9.04
CA TYR B 417 26.24 -8.64 8.78
C TYR B 417 27.51 -9.44 9.01
N GLU B 418 28.60 -8.96 8.42
CA GLU B 418 29.91 -9.54 8.63
C GLU B 418 30.81 -8.55 9.36
N SER B 419 31.57 -9.05 10.34
CA SER B 419 32.42 -8.22 11.17
C SER B 419 33.86 -8.31 10.71
N SER B 420 34.70 -7.43 11.28
CA SER B 420 36.10 -7.40 10.90
C SER B 420 36.88 -8.57 11.50
N ALA B 421 36.39 -9.14 12.60
CA ALA B 421 37.11 -10.23 13.25
C ALA B 421 37.19 -11.46 12.35
N LEU B 422 36.04 -11.91 11.84
CA LEU B 422 36.02 -13.08 10.98
C LEU B 422 36.35 -12.71 9.54
N PRO B 423 36.89 -13.65 8.75
CA PRO B 423 37.21 -13.34 7.36
C PRO B 423 35.97 -13.15 6.49
N SER B 424 36.19 -12.80 5.22
CA SER B 424 35.09 -12.55 4.30
C SER B 424 34.38 -13.84 3.94
N GLY B 425 33.16 -13.69 3.41
CA GLY B 425 32.37 -14.81 2.94
C GLY B 425 31.45 -15.44 3.97
N GLN B 426 31.50 -15.01 5.22
CA GLN B 426 30.63 -15.54 6.27
C GLN B 426 29.89 -14.39 6.93
N LEU B 427 28.57 -14.55 7.08
CA LEU B 427 27.72 -13.53 7.66
C LEU B 427 27.25 -13.95 9.04
N THR B 428 27.13 -12.97 9.93
CA THR B 428 26.75 -13.19 11.33
C THR B 428 25.49 -12.41 11.65
N SER B 429 24.65 -13.00 12.49
CA SER B 429 23.43 -12.33 12.94
C SER B 429 23.72 -11.41 14.12
N LEU B 430 22.75 -10.56 14.44
CA LEU B 430 22.90 -9.66 15.58
C LEU B 430 22.91 -10.42 16.91
N SER B 431 22.23 -11.57 16.96
CA SER B 431 22.18 -12.32 18.21
C SER B 431 23.54 -12.91 18.56
N GLU B 432 24.21 -13.54 17.59
CA GLU B 432 25.52 -14.13 17.84
C GLU B 432 26.62 -13.08 17.99
N TYR B 433 26.38 -11.86 17.50
CA TYR B 433 27.37 -10.80 17.67
C TYR B 433 27.56 -10.46 19.14
N ALA B 434 26.47 -10.37 19.90
CA ALA B 434 26.56 -10.06 21.31
C ALA B 434 27.09 -11.22 22.14
N SER B 435 27.00 -12.46 21.62
CA SER B 435 27.49 -13.61 22.37
C SER B 435 28.99 -13.53 22.60
N ARG B 436 29.74 -13.16 21.56
CA ARG B 436 31.19 -13.00 21.66
C ARG B 436 31.61 -11.57 21.99
N MET B 437 30.66 -10.64 22.07
CA MET B 437 30.98 -9.26 22.38
C MET B 437 31.35 -9.12 23.85
N ARG B 438 32.29 -8.21 24.14
CA ARG B 438 32.69 -7.95 25.51
C ARG B 438 31.50 -7.43 26.31
N ALA B 439 31.31 -7.97 27.51
CA ALA B 439 30.19 -7.61 28.36
C ALA B 439 30.42 -6.32 29.15
N GLY B 440 31.60 -5.73 29.05
CA GLY B 440 31.90 -4.53 29.80
C GLY B 440 31.27 -3.26 29.25
N THR B 441 30.74 -3.30 28.03
CA THR B 441 30.10 -2.14 27.42
C THR B 441 28.76 -2.54 26.82
N ARG B 442 27.76 -1.68 27.01
CA ARG B 442 26.43 -1.90 26.45
C ARG B 442 26.27 -1.21 25.09
N ASN B 443 27.24 -1.41 24.21
CA ASN B 443 27.28 -0.75 22.92
C ASN B 443 27.57 -1.75 21.81
N ILE B 444 26.90 -1.58 20.69
CA ILE B 444 27.14 -2.37 19.48
C ILE B 444 27.62 -1.42 18.38
N TYR B 445 28.77 -1.73 17.80
CA TYR B 445 29.42 -0.86 16.83
C TYR B 445 29.19 -1.39 15.42
N TYR B 446 28.71 -0.52 14.53
CA TYR B 446 28.49 -0.86 13.14
C TYR B 446 29.07 0.22 12.26
N LEU B 447 29.56 -0.18 11.09
CA LEU B 447 30.15 0.73 10.12
C LEU B 447 29.50 0.50 8.76
N CYS B 448 29.22 1.59 8.05
CA CYS B 448 28.61 1.53 6.73
C CYS B 448 29.67 1.82 5.67
N ALA B 449 29.73 0.94 4.67
CA ALA B 449 30.69 1.08 3.58
C ALA B 449 30.24 0.21 2.43
N PRO B 450 30.48 0.62 1.18
CA PRO B 450 30.09 -0.21 0.04
C PRO B 450 30.77 -1.57 0.02
N ASN B 451 31.99 -1.67 0.51
CA ASN B 451 32.74 -2.92 0.49
C ASN B 451 33.41 -3.15 1.84
N ARG B 452 33.66 -4.42 2.14
CA ARG B 452 34.47 -4.75 3.31
C ARG B 452 35.89 -4.22 3.15
N HIS B 453 36.46 -4.36 1.95
CA HIS B 453 37.81 -3.85 1.71
C HIS B 453 37.87 -2.34 1.90
N LEU B 454 36.86 -1.62 1.42
CA LEU B 454 36.80 -0.18 1.66
C LEU B 454 36.59 0.12 3.14
N ALA B 455 35.82 -0.72 3.83
CA ALA B 455 35.60 -0.54 5.26
C ALA B 455 36.90 -0.69 6.05
N GLU B 456 37.73 -1.66 5.67
CA GLU B 456 39.00 -1.86 6.36
C GLU B 456 39.91 -0.64 6.19
N HIS B 457 39.94 -0.06 5.00
CA HIS B 457 40.77 1.09 4.71
C HIS B 457 40.04 2.42 4.91
N SER B 458 38.84 2.38 5.47
CA SER B 458 38.11 3.61 5.76
C SER B 458 38.77 4.36 6.92
N PRO B 459 38.76 5.70 6.88
CA PRO B 459 39.34 6.46 7.99
C PRO B 459 38.65 6.21 9.32
N TYR B 460 37.34 5.93 9.30
CA TYR B 460 36.62 5.68 10.54
C TYR B 460 37.13 4.41 11.23
N TYR B 461 37.39 3.35 10.46
CA TYR B 461 37.93 2.12 11.04
C TYR B 461 39.34 2.33 11.58
N GLU B 462 40.16 3.10 10.86
CA GLU B 462 41.53 3.33 11.30
C GLU B 462 41.57 4.06 12.65
N ALA B 463 40.72 5.07 12.83
CA ALA B 463 40.63 5.74 14.12
C ALA B 463 39.96 4.85 15.16
N MET B 464 39.18 3.85 14.74
CA MET B 464 38.53 2.93 15.66
C MET B 464 39.48 1.84 16.14
N LYS B 465 40.62 1.66 15.46
CA LYS B 465 41.57 0.61 15.82
C LYS B 465 42.21 0.80 17.17
N LYS B 466 42.08 1.99 17.79
CA LYS B 466 42.61 2.21 19.12
C LYS B 466 41.98 1.25 20.12
N LYS B 467 40.66 1.07 20.04
CA LYS B 467 39.97 0.08 20.84
C LYS B 467 39.98 -1.27 20.13
N ASP B 468 39.65 -2.32 20.88
CA ASP B 468 39.62 -3.68 20.35
C ASP B 468 38.22 -4.26 20.58
N THR B 469 37.30 -3.93 19.68
CA THR B 469 35.95 -4.48 19.68
C THR B 469 35.55 -4.80 18.26
N GLU B 470 34.80 -5.89 18.09
CA GLU B 470 34.30 -6.25 16.77
C GLU B 470 33.25 -5.24 16.30
N VAL B 471 33.29 -4.92 15.02
CA VAL B 471 32.40 -3.93 14.43
C VAL B 471 31.69 -4.55 13.22
N LEU B 472 30.38 -4.33 13.13
CA LEU B 472 29.61 -4.83 12.01
C LEU B 472 29.78 -3.96 10.78
N PHE B 473 29.57 -4.56 9.61
CA PHE B 473 29.67 -3.87 8.33
C PHE B 473 28.33 -3.93 7.62
N CYS B 474 27.85 -2.78 7.16
CA CYS B 474 26.60 -2.67 6.43
C CYS B 474 26.90 -2.39 4.97
N PHE B 475 26.35 -3.22 4.08
CA PHE B 475 26.59 -3.13 2.65
C PHE B 475 25.37 -2.74 1.85
N GLU B 476 24.20 -3.26 2.19
CA GLU B 476 23.00 -3.01 1.41
C GLU B 476 22.47 -1.60 1.65
N GLN B 477 21.59 -1.16 0.75
CA GLN B 477 20.99 0.15 0.87
C GLN B 477 20.00 0.19 2.03
N PHE B 478 19.85 1.38 2.60
CA PHE B 478 18.98 1.65 3.75
C PHE B 478 19.39 0.87 5.00
N ASP B 479 20.55 0.22 4.98
CA ASP B 479 21.00 -0.53 6.15
C ASP B 479 21.35 0.40 7.30
N GLU B 480 21.97 1.54 6.99
CA GLU B 480 22.33 2.49 8.04
C GLU B 480 21.10 3.06 8.74
N LEU B 481 20.04 3.34 7.97
CA LEU B 481 18.81 3.85 8.56
C LEU B 481 18.13 2.81 9.44
N THR B 482 18.29 1.53 9.10
CA THR B 482 17.69 0.47 9.91
C THR B 482 18.27 0.44 11.31
N LEU B 483 19.58 0.62 11.44
CA LEU B 483 20.21 0.61 12.75
C LEU B 483 19.71 1.76 13.62
N LEU B 484 19.52 2.94 13.02
CA LEU B 484 19.02 4.09 13.77
C LEU B 484 17.61 3.82 14.29
N HIS B 485 16.75 3.26 13.44
CA HIS B 485 15.37 3.00 13.85
C HIS B 485 15.29 1.91 14.90
N LEU B 486 16.14 0.88 14.77
CA LEU B 486 16.18 -0.19 15.78
C LEU B 486 16.59 0.37 17.14
N ARG B 487 17.73 1.05 17.18
CA ARG B 487 18.22 1.84 18.31
C ARG B 487 18.56 1.00 19.53
N GLU B 488 18.32 -0.31 19.51
CA GLU B 488 18.56 -1.16 20.66
C GLU B 488 18.40 -2.62 20.25
N PHE B 489 19.24 -3.49 20.81
CA PHE B 489 19.14 -4.92 20.56
C PHE B 489 19.63 -5.66 21.79
N ASP B 490 18.73 -6.39 22.44
CA ASP B 490 19.06 -7.15 23.65
C ASP B 490 19.66 -6.26 24.72
N LYS B 491 19.08 -5.06 24.86
CA LYS B 491 19.53 -4.07 25.86
C LYS B 491 20.97 -3.63 25.63
N LYS B 492 21.36 -3.53 24.36
CA LYS B 492 22.64 -2.92 23.98
C LYS B 492 22.38 -1.81 22.97
N LYS B 493 22.96 -0.65 23.22
CA LYS B 493 22.79 0.48 22.32
C LYS B 493 23.53 0.25 21.00
N LEU B 494 22.98 0.82 19.93
CA LEU B 494 23.58 0.74 18.60
C LEU B 494 24.22 2.09 18.29
N ILE B 495 25.55 2.13 18.35
CA ILE B 495 26.32 3.34 18.09
C ILE B 495 27.24 3.07 16.91
N SER B 496 27.16 3.91 15.88
CA SER B 496 28.02 3.76 14.72
C SER B 496 29.45 4.20 15.05
N VAL B 497 30.37 3.83 14.18
CA VAL B 497 31.78 4.20 14.37
C VAL B 497 31.94 5.71 14.33
N GLU B 498 31.29 6.37 13.36
CA GLU B 498 31.37 7.82 13.27
C GLU B 498 30.77 8.51 14.49
N THR B 499 29.67 7.95 15.02
CA THR B 499 29.09 8.50 16.24
C THR B 499 30.02 8.32 17.43
N ASP B 500 30.72 7.19 17.49
CA ASP B 500 31.62 6.94 18.61
C ASP B 500 32.83 7.87 18.60
N ILE B 501 33.31 8.25 17.41
CA ILE B 501 34.50 9.10 17.34
C ILE B 501 34.21 10.49 17.87
N VAL B 502 33.08 11.08 17.48
CA VAL B 502 32.80 12.46 17.86
C VAL B 502 32.51 12.57 19.35
N VAL B 503 31.80 11.59 19.92
CA VAL B 503 31.49 11.65 21.35
C VAL B 503 32.75 11.41 22.18
N ASP B 504 33.69 10.62 21.67
CA ASP B 504 34.92 10.33 22.40
C ASP B 504 36.08 11.18 21.88
N CYS B 520 56.04 14.03 12.35
CA CYS B 520 55.53 14.63 13.58
C CYS B 520 55.49 16.15 13.48
N LEU B 521 54.37 16.74 13.92
CA LEU B 521 54.17 18.17 13.90
C LEU B 521 54.02 18.68 15.32
N SER B 522 54.77 19.73 15.65
CA SER B 522 54.69 20.31 16.99
C SER B 522 53.45 21.17 17.13
N GLU B 523 53.16 21.57 18.38
CA GLU B 523 51.98 22.36 18.65
C GLU B 523 52.03 23.73 17.98
N LYS B 524 53.20 24.37 18.00
CA LYS B 524 53.31 25.74 17.49
C LYS B 524 53.05 25.81 16.00
N GLU B 525 53.55 24.83 15.23
CA GLU B 525 53.33 24.84 13.79
C GLU B 525 51.92 24.38 13.43
N THR B 526 51.36 23.43 14.17
CA THR B 526 50.03 22.93 13.86
C THR B 526 48.96 23.97 14.20
N GLU B 527 49.14 24.69 15.31
CA GLU B 527 48.10 25.61 15.77
C GLU B 527 47.87 26.75 14.77
N GLU B 528 48.95 27.31 14.23
CA GLU B 528 48.79 28.40 13.26
C GLU B 528 48.18 27.91 11.95
N LEU B 529 48.48 26.66 11.57
CA LEU B 529 47.84 26.08 10.39
C LEU B 529 46.41 25.65 10.69
N MET B 530 46.14 25.21 11.92
CA MET B 530 44.78 24.78 12.28
C MET B 530 43.80 25.93 12.19
N ALA B 531 44.18 27.11 12.69
CA ALA B 531 43.30 28.27 12.60
C ALA B 531 43.24 28.85 11.20
N TRP B 532 44.31 28.70 10.42
CA TRP B 532 44.30 29.22 9.05
C TRP B 532 43.31 28.47 8.17
N MET B 533 43.16 27.16 8.40
CA MET B 533 42.22 26.38 7.61
C MET B 533 40.78 26.83 7.85
N ARG B 534 40.45 27.17 9.09
CA ARG B 534 39.09 27.61 9.40
C ARG B 534 38.76 28.92 8.68
N ASN B 535 39.77 29.75 8.38
CA ASN B 535 39.53 30.99 7.68
C ASN B 535 39.00 30.74 6.27
N VAL B 536 39.56 29.74 5.58
CA VAL B 536 39.13 29.44 4.22
C VAL B 536 38.01 28.41 4.18
N LEU B 537 37.88 27.58 5.22
CA LEU B 537 36.83 26.56 5.29
C LEU B 537 35.67 26.98 6.17
N GLY B 538 35.60 28.26 6.56
CA GLY B 538 34.50 28.70 7.40
C GLY B 538 33.15 28.55 6.73
N SER B 539 33.09 28.77 5.42
CA SER B 539 31.85 28.60 4.67
C SER B 539 31.44 27.14 4.51
N ARG B 540 32.35 26.20 4.81
CA ARG B 540 32.06 24.77 4.68
C ARG B 540 32.00 24.06 6.01
N VAL B 541 33.04 24.18 6.83
CA VAL B 541 33.10 23.53 8.13
C VAL B 541 32.91 24.57 9.22
N THR B 542 32.73 24.09 10.46
CA THR B 542 32.53 24.95 11.61
C THR B 542 33.70 24.90 12.59
N ASN B 543 34.08 23.72 13.05
CA ASN B 543 35.16 23.55 14.00
C ASN B 543 36.10 22.46 13.52
N VAL B 544 37.40 22.67 13.70
CA VAL B 544 38.43 21.71 13.30
C VAL B 544 39.29 21.40 14.52
N LYS B 545 39.54 20.12 14.76
CA LYS B 545 40.27 19.67 15.94
C LYS B 545 41.37 18.70 15.54
N VAL B 546 42.30 18.49 16.45
CA VAL B 546 43.43 17.59 16.23
C VAL B 546 43.01 16.16 16.52
N THR B 547 43.43 15.23 15.67
CA THR B 547 43.12 13.81 15.82
C THR B 547 44.42 13.03 15.94
N LEU B 548 44.56 12.25 17.00
CA LEU B 548 45.73 11.42 17.23
C LEU B 548 45.51 9.95 16.86
N ARG B 549 44.33 9.59 16.38
CA ARG B 549 44.02 8.21 16.06
C ARG B 549 44.21 7.86 14.58
N LEU B 550 44.05 8.83 13.68
CA LEU B 550 44.24 8.57 12.27
C LEU B 550 45.72 8.31 11.98
N ASP B 551 45.98 7.35 11.09
CA ASP B 551 47.34 6.97 10.76
C ASP B 551 47.66 7.17 9.28
N THR B 552 46.80 6.73 8.38
CA THR B 552 47.05 6.80 6.94
C THR B 552 46.01 7.64 6.21
N HIS B 553 45.30 8.52 6.92
CA HIS B 553 44.29 9.37 6.30
C HIS B 553 44.60 10.82 6.65
N PRO B 554 44.73 11.71 5.65
CA PRO B 554 45.07 13.10 5.96
C PRO B 554 44.03 13.81 6.81
N ALA B 555 42.75 13.51 6.62
CA ALA B 555 41.70 14.19 7.35
C ALA B 555 40.44 13.34 7.35
N MET B 556 39.52 13.70 8.25
CA MET B 556 38.23 13.03 8.37
C MET B 556 37.24 14.01 8.99
N VAL B 557 35.95 13.76 8.75
CA VAL B 557 34.88 14.63 9.23
C VAL B 557 33.94 13.80 10.10
N THR B 558 33.53 14.38 11.22
CA THR B 558 32.58 13.76 12.13
C THR B 558 31.33 14.61 12.25
N VAL B 559 30.19 13.95 12.44
CA VAL B 559 28.90 14.60 12.59
C VAL B 559 28.25 14.09 13.86
N LEU B 560 27.59 14.99 14.60
CA LEU B 560 26.92 14.60 15.84
C LEU B 560 25.87 13.53 15.59
N GLU B 561 25.08 13.68 14.51
CA GLU B 561 24.13 12.67 14.08
C GLU B 561 24.40 12.41 12.60
N MET B 562 25.34 11.52 12.32
CA MET B 562 25.74 11.23 10.95
C MET B 562 24.71 10.36 10.23
N GLY B 563 24.03 9.47 10.96
CA GLY B 563 23.05 8.61 10.32
C GLY B 563 21.92 9.39 9.67
N ALA B 564 21.40 10.40 10.36
CA ALA B 564 20.37 11.25 9.77
C ALA B 564 20.95 12.15 8.69
N ALA B 565 22.19 12.60 8.85
CA ALA B 565 22.81 13.47 7.86
C ALA B 565 22.99 12.76 6.53
N ARG B 566 23.44 11.50 6.57
CA ARG B 566 23.57 10.74 5.33
C ARG B 566 22.22 10.47 4.68
N HIS B 567 21.21 10.14 5.48
CA HIS B 567 19.88 9.91 4.94
C HIS B 567 19.27 11.20 4.40
N PHE B 568 19.53 12.33 5.06
CA PHE B 568 18.98 13.60 4.60
C PHE B 568 19.51 13.99 3.23
N LEU B 569 20.80 13.78 2.99
CA LEU B 569 21.42 14.17 1.73
C LEU B 569 21.33 13.10 0.65
N ARG B 570 20.70 11.95 0.95
CA ARG B 570 20.62 10.84 -0.01
C ARG B 570 19.29 10.82 -0.75
N MET B 571 18.18 10.74 -0.02
CA MET B 571 16.86 10.60 -0.64
C MET B 571 16.18 11.95 -0.82
N GLN B 572 15.94 12.67 0.27
CA GLN B 572 15.26 13.95 0.17
C GLN B 572 16.17 15.07 -0.34
N GLN B 573 17.46 15.01 -0.02
CA GLN B 573 18.43 16.01 -0.45
C GLN B 573 18.02 17.42 -0.03
N GLN B 578 26.09 24.42 -1.86
CA GLN B 578 26.96 24.12 -0.72
C GLN B 578 26.59 24.96 0.48
N GLU B 579 26.26 26.23 0.24
CA GLU B 579 25.89 27.13 1.33
C GLU B 579 24.58 26.69 1.98
N GLU B 580 23.62 26.21 1.17
CA GLU B 580 22.33 25.79 1.70
C GLU B 580 22.44 24.56 2.58
N ARG B 581 23.50 23.77 2.45
CA ARG B 581 23.68 22.56 3.24
C ARG B 581 24.70 22.71 4.35
N ALA B 582 25.74 23.54 4.16
CA ALA B 582 26.74 23.73 5.18
C ALA B 582 26.19 24.44 6.42
N GLN B 583 25.09 25.17 6.28
CA GLN B 583 24.49 25.87 7.41
C GLN B 583 23.69 24.96 8.33
N LEU B 584 23.49 23.70 7.94
CA LEU B 584 22.71 22.78 8.76
C LEU B 584 23.51 21.50 9.04
N LEU B 585 24.39 21.14 8.11
CA LEU B 585 25.16 19.89 8.28
C LEU B 585 26.12 19.98 9.45
N GLN B 586 26.79 21.13 9.63
CA GLN B 586 27.83 21.33 10.63
C GLN B 586 28.90 20.25 10.55
N PRO B 587 29.72 20.23 9.49
CA PRO B 587 30.77 19.21 9.37
C PRO B 587 31.95 19.52 10.27
N THR B 588 32.18 18.65 11.26
CA THR B 588 33.30 18.83 12.19
C THR B 588 34.52 18.11 11.61
N LEU B 589 35.19 18.79 10.69
CA LEU B 589 36.38 18.26 10.06
C LEU B 589 37.52 18.17 11.07
N GLU B 590 38.35 17.15 10.95
CA GLU B 590 39.52 16.99 11.80
C GLU B 590 40.63 16.34 10.99
N ILE B 591 41.87 16.76 11.23
CA ILE B 591 43.01 16.35 10.43
C ILE B 591 43.96 15.53 11.30
N ASN B 592 44.86 14.82 10.64
CA ASN B 592 45.87 13.99 11.30
C ASN B 592 47.24 14.62 11.12
N PRO B 593 47.85 15.15 12.18
CA PRO B 593 49.20 15.74 12.02
C PRO B 593 50.26 14.76 11.57
N ARG B 594 50.07 13.46 11.83
CA ARG B 594 51.06 12.47 11.43
C ARG B 594 51.10 12.26 9.92
N HIS B 595 50.02 12.59 9.22
CA HIS B 595 49.96 12.34 7.78
C HIS B 595 50.90 13.28 7.02
N ALA B 596 51.38 12.80 5.88
CA ALA B 596 52.32 13.58 5.08
C ALA B 596 51.65 14.83 4.49
N LEU B 597 50.39 14.70 4.05
CA LEU B 597 49.71 15.84 3.45
C LEU B 597 49.57 17.00 4.43
N ILE B 598 49.21 16.70 5.68
CA ILE B 598 49.12 17.75 6.69
C ILE B 598 50.50 18.34 6.97
N LYS B 599 51.53 17.49 7.03
CA LYS B 599 52.89 17.98 7.21
C LYS B 599 53.31 18.86 6.04
N LYS B 600 52.93 18.48 4.82
CA LYS B 600 53.28 19.27 3.65
C LYS B 600 52.53 20.60 3.60
N LEU B 601 51.39 20.71 4.30
CA LEU B 601 50.65 21.97 4.31
C LEU B 601 51.39 23.07 5.04
N ASN B 602 52.33 22.74 5.93
CA ASN B 602 53.09 23.76 6.64
C ASN B 602 53.95 24.57 5.68
N GLN B 603 54.72 23.89 4.83
CA GLN B 603 55.55 24.59 3.85
C GLN B 603 54.74 25.13 2.69
N LEU B 604 53.66 24.44 2.31
CA LEU B 604 52.84 24.90 1.19
C LEU B 604 52.15 26.22 1.49
N ARG B 605 51.68 26.39 2.74
CA ARG B 605 50.99 27.63 3.10
C ARG B 605 51.91 28.83 3.03
N ALA B 606 53.22 28.63 3.19
CA ALA B 606 54.18 29.71 3.15
C ALA B 606 54.87 29.85 1.79
N SER B 607 55.16 28.74 1.11
CA SER B 607 55.86 28.81 -0.17
C SER B 607 55.02 29.49 -1.24
N GLU B 608 53.77 29.04 -1.41
CA GLU B 608 52.84 29.66 -2.35
C GLU B 608 51.43 29.68 -1.75
N PRO B 609 51.05 30.80 -1.12
CA PRO B 609 49.68 30.93 -0.62
C PRO B 609 48.61 30.61 -1.63
N GLY B 610 48.85 30.82 -2.93
CA GLY B 610 47.82 30.68 -3.94
C GLY B 610 47.39 29.26 -4.22
N LEU B 611 48.19 28.27 -3.81
CA LEU B 611 47.87 26.88 -4.09
C LEU B 611 47.45 26.10 -2.84
N ALA B 612 47.78 26.61 -1.64
CA ALA B 612 47.49 25.87 -0.42
C ALA B 612 46.00 25.66 -0.22
N GLN B 613 45.20 26.69 -0.48
CA GLN B 613 43.76 26.57 -0.23
C GLN B 613 43.10 25.59 -1.21
N LEU B 614 43.70 25.39 -2.39
CA LEU B 614 43.14 24.45 -3.35
C LEU B 614 43.30 23.01 -2.86
N LEU B 615 44.47 22.67 -2.33
CA LEU B 615 44.67 21.34 -1.77
C LEU B 615 43.84 21.14 -0.51
N VAL B 616 43.72 22.19 0.31
CA VAL B 616 42.90 22.10 1.52
C VAL B 616 41.45 21.81 1.15
N ASP B 617 40.94 22.48 0.12
CA ASP B 617 39.60 22.18 -0.36
C ASP B 617 39.51 20.75 -0.86
N GLN B 618 40.53 20.28 -1.58
CA GLN B 618 40.56 18.89 -2.03
C GLN B 618 40.63 17.94 -0.85
N ILE B 619 41.43 18.26 0.16
CA ILE B 619 41.48 17.44 1.37
C ILE B 619 40.12 17.44 2.07
N TYR B 620 39.50 18.62 2.15
CA TYR B 620 38.16 18.70 2.73
C TYR B 620 37.16 17.89 1.90
N GLU B 621 37.27 17.96 0.57
CA GLU B 621 36.40 17.18 -0.28
C GLU B 621 36.62 15.68 -0.11
N ASN B 622 37.89 15.26 0.03
CA ASN B 622 38.19 13.86 0.24
C ASN B 622 37.57 13.35 1.53
N ALA B 623 37.66 14.13 2.60
CA ALA B 623 37.04 13.74 3.87
C ALA B 623 35.52 13.72 3.75
N MET B 624 34.97 14.63 2.94
CA MET B 624 33.52 14.63 2.72
C MET B 624 33.07 13.36 2.00
N ILE B 625 33.84 12.91 1.02
CA ILE B 625 33.49 11.70 0.28
C ILE B 625 33.51 10.48 1.20
N ALA B 626 34.54 10.38 2.05
CA ALA B 626 34.63 9.24 2.96
C ALA B 626 33.45 9.18 3.91
N ALA B 627 32.86 10.33 4.24
CA ALA B 627 31.65 10.35 5.06
C ALA B 627 30.41 9.90 4.30
N GLY B 628 30.46 9.84 2.97
CA GLY B 628 29.30 9.53 2.18
C GLY B 628 28.33 10.68 2.02
N LEU B 629 28.68 11.87 2.47
CA LEU B 629 27.81 13.03 2.40
C LEU B 629 27.92 13.77 1.06
N VAL B 630 28.81 13.35 0.18
CA VAL B 630 28.91 13.98 -1.12
C VAL B 630 27.69 13.64 -1.97
N ASP B 631 27.09 14.66 -2.57
CA ASP B 631 25.87 14.49 -3.36
C ASP B 631 25.99 14.98 -4.79
N ASP B 632 26.85 15.96 -5.06
CA ASP B 632 27.04 16.52 -6.40
C ASP B 632 28.52 16.49 -6.74
N PRO B 633 29.05 15.34 -7.17
CA PRO B 633 30.46 15.26 -7.55
C PRO B 633 30.77 15.76 -8.95
N ARG B 634 29.83 16.46 -9.59
CA ARG B 634 30.07 16.97 -10.94
C ARG B 634 31.21 17.99 -10.94
N ALA B 635 31.23 18.88 -9.95
CA ALA B 635 32.28 19.90 -9.86
C ALA B 635 33.50 19.41 -9.10
N MET B 636 33.44 18.24 -8.46
CA MET B 636 34.60 17.72 -7.74
C MET B 636 35.74 17.39 -8.69
N VAL B 637 35.42 16.79 -9.83
CA VAL B 637 36.45 16.47 -10.81
C VAL B 637 37.02 17.73 -11.43
N GLY B 638 36.18 18.75 -11.64
CA GLY B 638 36.67 20.00 -12.21
C GLY B 638 37.69 20.68 -11.33
N ARG B 639 37.44 20.73 -10.02
CA ARG B 639 38.42 21.32 -9.11
C ARG B 639 39.64 20.43 -8.94
N LEU B 640 39.43 19.10 -8.89
CA LEU B 640 40.54 18.18 -8.73
C LEU B 640 41.47 18.24 -9.94
N ASN B 641 40.91 18.23 -11.16
CA ASN B 641 41.74 18.29 -12.35
C ASN B 641 42.44 19.63 -12.47
N GLU B 642 41.74 20.72 -12.14
CA GLU B 642 42.35 22.05 -12.21
C GLU B 642 43.48 22.19 -11.20
N LEU B 643 43.35 21.57 -10.04
CA LEU B 643 44.41 21.63 -9.03
C LEU B 643 45.69 20.98 -9.54
N LEU B 644 45.57 19.85 -10.24
CA LEU B 644 46.74 19.16 -10.75
C LEU B 644 47.43 19.91 -11.89
N VAL B 645 46.77 20.90 -12.48
CA VAL B 645 47.37 21.65 -13.58
C VAL B 645 48.60 22.40 -13.11
N LYS B 646 48.49 23.11 -11.98
CA LYS B 646 49.59 23.87 -11.43
C LYS B 646 50.25 23.18 -10.24
N ALA B 647 49.86 21.95 -9.94
CA ALA B 647 50.48 21.23 -8.82
C ALA B 647 51.88 20.74 -9.19
N LEU B 648 52.05 20.23 -10.40
CA LEU B 648 53.32 19.63 -10.81
C LEU B 648 53.69 20.01 -12.25
N GLU B 649 53.30 21.20 -12.69
CA GLU B 649 53.53 21.62 -14.08
C GLU B 649 54.99 21.85 -14.40
N ARG B 650 55.88 21.94 -13.41
CA ARG B 650 57.28 22.24 -13.64
C ARG B 650 58.12 21.00 -13.93
N HIS B 651 57.53 19.82 -13.94
CA HIS B 651 58.26 18.61 -14.30
C HIS B 651 58.59 18.60 -15.79
PB ADP C . -32.08 4.68 9.03
O1B ADP C . -31.23 4.33 7.83
O2B ADP C . -33.56 4.53 8.79
O3B ADP C . -31.68 5.96 9.73
PA ADP C . -32.24 3.50 11.62
O1A ADP C . -31.16 4.08 12.49
O2A ADP C . -32.79 2.12 11.91
O3A ADP C . -31.70 3.52 10.10
O5' ADP C . -33.49 4.50 11.64
C5' ADP C . -34.82 3.99 11.56
C4' ADP C . -35.83 5.12 11.76
O4' ADP C . -35.72 5.66 13.08
C3' ADP C . -35.59 6.26 10.79
O3' ADP C . -36.60 6.28 9.78
C2' ADP C . -35.66 7.53 11.62
O2' ADP C . -36.74 8.35 11.17
C1' ADP C . -35.92 7.07 13.05
N9 ADP C . -34.96 7.74 13.97
C8 ADP C . -33.78 7.24 14.36
N7 ADP C . -33.14 8.11 15.21
C5 ADP C . -33.94 9.18 15.36
C6 ADP C . -33.88 10.45 16.11
N6 ADP C . -32.81 10.76 16.88
N1 ADP C . -34.93 11.30 15.99
C2 ADP C . -36.00 11.01 15.22
N3 ADP C . -36.11 9.87 14.51
C4 ADP C . -35.14 8.93 14.54
BE BEF D . -29.25 2.87 8.12
F1 BEF D . -28.87 4.08 9.00
F2 BEF D . -28.12 1.79 8.08
F3 BEF D . -29.50 3.34 6.67
MG MG E . -29.26 5.96 9.69
K K F . -35.62 0.84 11.82
PB ADP G . -26.99 -20.23 4.45
O1B ADP G . -25.91 -20.05 3.43
O2B ADP G . -27.57 -21.62 4.51
O3B ADP G . -26.67 -19.64 5.81
PA ADP G . -29.00 -19.60 2.56
O1A ADP G . -28.01 -19.69 1.43
O2A ADP G . -30.16 -18.65 2.47
O3A ADP G . -28.19 -19.29 3.92
O5' ADP G . -29.63 -21.07 2.80
C5' ADP G . -30.75 -21.23 3.67
C4' ADP G . -31.19 -22.69 3.67
O4' ADP G . -31.43 -23.12 2.33
C3' ADP G . -30.14 -23.61 4.26
O3' ADP G . -30.58 -24.11 5.52
C2' ADP G . -29.99 -24.75 3.27
O2' ADP G . -30.30 -25.99 3.91
C1' ADP G . -30.98 -24.47 2.15
N9 ADP G . -30.30 -24.62 0.84
C8 ADP G . -29.83 -23.62 0.09
N7 ADP G . -29.27 -24.11 -1.06
C5 ADP G . -29.39 -25.44 -1.03
C6 ADP G . -29.02 -26.58 -1.91
N6 ADP G . -28.39 -26.36 -3.10
N1 ADP G . -29.34 -27.82 -1.51
C2 ADP G . -29.97 -28.05 -0.35
N3 ADP G . -30.33 -27.07 0.51
C4 ADP G . -30.08 -25.78 0.22
BE BEF H . -25.36 -17.61 4.19
F1 BEF H . -24.96 -17.96 5.63
F2 BEF H . -24.46 -18.32 3.13
F3 BEF H . -25.22 -16.09 3.95
MG MG I . -25.88 -19.44 1.38
K K J . -32.84 -18.49 3.91
#